data_6BXM
#
_entry.id   6BXM
#
_cell.length_a   61.887
_cell.length_b   64.080
_cell.length_c   158.368
_cell.angle_alpha   90.00
_cell.angle_beta   90.00
_cell.angle_gamma   90.00
#
_symmetry.space_group_name_H-M   'P 21 21 21'
#
loop_
_entity.id
_entity.type
_entity.pdbx_description
1 polymer 'Diphthamide biosynthesis enzyme Dph2'
2 non-polymer 'IRON/SULFUR CLUSTER'
3 non-polymer S-ADENOSYLMETHIONINE
4 non-polymer 'ALPHA-AMINOBUTYRIC ACID'
5 non-polymer "5'-DEOXY-5'-METHYLTHIOADENOSINE"
6 water water
#
_entity_poly.entity_id   1
_entity_poly.type   'polypeptide(L)'
_entity_poly.pdbx_seq_one_letter_code
;GSHMSEQFDFDLERILKTIKDKNCKKVGLQFPEGLKRQAINIAREIEEKTRANVIISGNPCFGACDIDTILAGSVDILFH
FGHAGMGEYENVVFIEARSNIDIIPAVKTALNLLKANRIGLITTVQHVHKLEEACKVIKEYGKECVIGKGDPRAIYPGQV
LGCNFTAARVDCEEFIYIGSGIFHPLGVAIATKKRVIAADPFLNQAVEVSPERFLRKRGGYIAKATGAKIFGIIVSTKSG
QYRMKLAQKLKEIADKHGKIGYIILMDLVTPEQLLAFKADAYVNTACPRITIDDAERFHAPVLTPQEFEIVLGERRWENM
EMDEMIQ
;
_entity_poly.pdbx_strand_id   A,B
#
loop_
_chem_comp.id
_chem_comp.type
_chem_comp.name
_chem_comp.formula
MTA non-polymer 5'-DEOXY-5'-METHYLTHIOADENOSINE 'C11 H15 N5 O3 S'
SAM non-polymer S-ADENOSYLMETHIONINE 'C15 H22 N6 O5 S'
SF4 non-polymer 'IRON/SULFUR CLUSTER' 'Fe4 S4'
#
# COMPACT_ATOMS: atom_id res chain seq x y z
N PHE A 10 -9.81 17.93 18.53
CA PHE A 10 -10.71 16.84 18.92
C PHE A 10 -10.58 16.39 20.38
N ASP A 11 -11.57 15.61 20.81
CA ASP A 11 -11.79 15.28 22.22
C ASP A 11 -10.83 14.18 22.66
N LEU A 12 -9.64 14.58 23.11
CA LEU A 12 -8.66 13.62 23.59
C LEU A 12 -9.00 13.08 24.97
N GLU A 13 -9.71 13.87 25.78
CA GLU A 13 -10.02 13.46 27.15
C GLU A 13 -10.89 12.21 27.16
N ARG A 14 -11.83 12.12 26.21
CA ARG A 14 -12.68 10.93 26.12
C ARG A 14 -11.88 9.71 25.70
N ILE A 15 -10.92 9.91 24.80
CA ILE A 15 -10.08 8.79 24.37
C ILE A 15 -9.32 8.22 25.56
N LEU A 16 -8.65 9.11 26.31
CA LEU A 16 -7.89 8.70 27.49
C LEU A 16 -8.79 8.01 28.51
N LYS A 17 -9.94 8.62 28.82
CA LYS A 17 -10.91 8.01 29.74
C LYS A 17 -11.36 6.63 29.26
N THR A 18 -11.65 6.51 27.96
CA THR A 18 -12.05 5.22 27.41
C THR A 18 -10.97 4.17 27.61
N ILE A 19 -9.76 4.47 27.15
CA ILE A 19 -8.62 3.56 27.32
C ILE A 19 -8.42 3.25 28.80
N LYS A 20 -8.38 4.31 29.63
CA LYS A 20 -8.09 4.14 31.05
C LYS A 20 -9.17 3.35 31.76
N ASP A 21 -10.44 3.52 31.36
CA ASP A 21 -11.51 2.71 31.94
C ASP A 21 -11.36 1.24 31.56
N LYS A 22 -10.94 0.94 30.33
CA LYS A 22 -10.95 -0.44 29.84
C LYS A 22 -9.63 -1.18 30.05
N ASN A 23 -8.59 -0.49 30.54
CA ASN A 23 -7.27 -1.11 30.74
C ASN A 23 -6.75 -1.76 29.46
N CYS A 24 -6.80 -0.99 28.37
CA CYS A 24 -6.29 -1.47 27.09
C CYS A 24 -4.80 -1.72 27.15
N LYS A 25 -4.42 -2.96 26.81
CA LYS A 25 -3.01 -3.29 26.55
C LYS A 25 -2.45 -2.46 25.39
N LYS A 26 -2.99 -2.64 24.19
CA LYS A 26 -2.52 -1.97 22.97
C LYS A 26 -3.62 -1.14 22.35
N VAL A 27 -3.25 0.02 21.81
CA VAL A 27 -4.17 0.95 21.17
C VAL A 27 -3.61 1.31 19.79
N GLY A 28 -4.48 1.38 18.79
CA GLY A 28 -4.10 1.70 17.43
C GLY A 28 -4.63 3.08 17.05
N LEU A 29 -3.85 3.81 16.25
CA LEU A 29 -4.24 5.13 15.74
C LEU A 29 -4.16 5.10 14.22
N GLN A 30 -5.20 5.62 13.55
CA GLN A 30 -5.23 5.74 12.11
C GLN A 30 -5.63 7.16 11.73
N PHE A 31 -4.83 7.82 10.89
CA PHE A 31 -5.09 9.21 10.53
C PHE A 31 -5.19 9.36 9.02
N PRO A 32 -6.11 10.20 8.54
CA PRO A 32 -6.05 10.65 7.15
C PRO A 32 -4.78 11.46 6.91
N GLU A 33 -4.46 11.66 5.64
CA GLU A 33 -3.15 12.23 5.28
C GLU A 33 -2.91 13.57 5.96
N GLY A 34 -3.94 14.42 6.05
CA GLY A 34 -3.76 15.74 6.63
C GLY A 34 -3.47 15.73 8.13
N LEU A 35 -3.93 14.70 8.83
CA LEU A 35 -3.80 14.61 10.28
C LEU A 35 -2.59 13.82 10.76
N LYS A 36 -1.83 13.18 9.87
CA LYS A 36 -0.70 12.37 10.30
C LYS A 36 0.34 13.17 11.07
N ARG A 37 0.51 14.46 10.75
CA ARG A 37 1.49 15.27 11.47
C ARG A 37 1.23 15.28 12.97
N GLN A 38 -0.01 15.06 13.40
CA GLN A 38 -0.36 15.01 14.82
C GLN A 38 -0.23 13.63 15.44
N ALA A 39 -0.01 12.59 14.63
CA ALA A 39 -0.02 11.21 15.14
C ALA A 39 0.91 11.02 16.32
N ILE A 40 2.13 11.54 16.23
CA ILE A 40 3.12 11.25 17.27
C ILE A 40 2.77 11.99 18.56
N ASN A 41 2.30 13.24 18.45
CA ASN A 41 1.85 13.98 19.64
C ASN A 41 0.70 13.25 20.34
N ILE A 42 -0.20 12.64 19.55
CA ILE A 42 -1.33 11.95 20.16
C ILE A 42 -0.89 10.65 20.81
N ALA A 43 -0.02 9.90 20.15
CA ALA A 43 0.51 8.68 20.74
C ALA A 43 1.26 8.99 22.05
N ARG A 44 2.03 10.08 22.06
CA ARG A 44 2.70 10.50 23.30
C ARG A 44 1.70 10.73 24.42
N GLU A 45 0.69 11.57 24.16
CA GLU A 45 -0.35 11.82 25.16
C GLU A 45 -0.96 10.52 25.68
N ILE A 46 -1.23 9.56 24.80
CA ILE A 46 -1.86 8.31 25.27
C ILE A 46 -0.88 7.47 26.08
N GLU A 47 0.39 7.40 25.65
CA GLU A 47 1.33 6.60 26.44
C GLU A 47 1.67 7.32 27.75
N GLU A 48 1.74 8.66 27.74
CA GLU A 48 2.03 9.37 28.99
C GLU A 48 0.89 9.23 30.00
N LYS A 49 -0.37 9.33 29.54
CA LYS A 49 -1.48 9.45 30.49
C LYS A 49 -2.22 8.15 30.73
N THR A 50 -1.94 7.11 29.96
CA THR A 50 -2.51 5.78 30.19
C THR A 50 -1.35 4.79 30.22
N ARG A 51 -1.66 3.51 30.39
CA ARG A 51 -0.63 2.47 30.38
C ARG A 51 -0.61 1.69 29.07
N ALA A 52 -1.32 2.14 28.05
CA ALA A 52 -1.37 1.36 26.82
C ALA A 52 -0.16 1.65 25.95
N ASN A 53 0.28 0.66 25.20
CA ASN A 53 1.23 0.87 24.10
C ASN A 53 0.45 1.23 22.84
N VAL A 54 0.95 2.21 22.10
CA VAL A 54 0.27 2.75 20.93
C VAL A 54 0.98 2.27 19.66
N ILE A 55 0.21 1.73 18.72
CA ILE A 55 0.69 1.42 17.39
C ILE A 55 0.03 2.39 16.40
N ILE A 56 0.84 2.99 15.54
CA ILE A 56 0.36 3.98 14.59
C ILE A 56 0.31 3.31 13.23
N SER A 57 -0.79 3.54 12.51
CA SER A 57 -0.93 3.08 11.13
C SER A 57 -0.18 4.05 10.22
N GLY A 58 0.76 3.51 9.43
CA GLY A 58 1.54 4.29 8.50
C GLY A 58 1.10 4.27 7.05
N ASN A 59 0.06 3.53 6.72
CA ASN A 59 -0.41 3.54 5.33
C ASN A 59 -1.17 4.82 5.01
N PRO A 60 -1.21 5.23 3.75
CA PRO A 60 -2.17 6.27 3.35
C PRO A 60 -3.57 5.86 3.77
N CYS A 61 -4.37 6.85 4.14
CA CYS A 61 -5.75 6.63 4.58
C CYS A 61 -6.60 7.70 3.95
N PHE A 62 -7.56 7.29 3.12
CA PHE A 62 -8.37 8.22 2.38
C PHE A 62 -9.75 8.46 2.98
N GLY A 63 -10.14 7.68 3.99
CA GLY A 63 -11.42 7.88 4.63
C GLY A 63 -11.81 6.68 5.47
N ALA A 64 -13.08 6.70 5.88
CA ALA A 64 -13.70 5.62 6.63
C ALA A 64 -14.00 4.42 5.76
N CYS A 65 -13.90 4.55 4.44
CA CYS A 65 -13.83 3.45 3.48
C CYS A 65 -12.49 2.73 3.52
N ASP A 66 -11.56 3.16 4.36
CA ASP A 66 -10.17 2.76 4.29
C ASP A 66 -9.68 2.47 5.70
N ILE A 67 -10.30 1.50 6.34
CA ILE A 67 -9.95 1.14 7.70
C ILE A 67 -8.74 0.21 7.67
N ASP A 68 -7.80 0.42 8.60
CA ASP A 68 -6.65 -0.47 8.72
C ASP A 68 -7.08 -1.66 9.56
N THR A 69 -7.67 -2.68 8.91
CA THR A 69 -8.20 -3.83 9.64
C THR A 69 -7.11 -4.77 10.13
N ILE A 70 -5.93 -4.76 9.51
CA ILE A 70 -4.84 -5.55 10.06
C ILE A 70 -4.42 -5.00 11.41
N LEU A 71 -4.32 -3.66 11.50
CA LEU A 71 -3.98 -3.05 12.78
C LEU A 71 -5.14 -3.19 13.79
N ALA A 72 -6.39 -3.09 13.33
CA ALA A 72 -7.51 -3.29 14.25
C ALA A 72 -7.50 -4.70 14.83
N GLY A 73 -7.16 -5.70 14.03
CA GLY A 73 -7.14 -7.06 14.55
C GLY A 73 -5.98 -7.42 15.44
N SER A 74 -5.02 -6.52 15.65
CA SER A 74 -3.92 -6.79 16.58
C SER A 74 -3.85 -5.78 17.72
N VAL A 75 -4.87 -4.94 17.90
CA VAL A 75 -4.93 -4.03 19.02
C VAL A 75 -6.31 -4.17 19.68
N ASP A 76 -6.42 -3.64 20.90
CA ASP A 76 -7.68 -3.69 21.62
C ASP A 76 -8.70 -2.71 21.05
N ILE A 77 -8.27 -1.50 20.70
CA ILE A 77 -9.15 -0.51 20.11
C ILE A 77 -8.35 0.25 19.06
N LEU A 78 -8.92 0.40 17.87
CA LEU A 78 -8.38 1.27 16.85
C LEU A 78 -9.18 2.58 16.85
N PHE A 79 -8.49 3.68 17.13
CA PHE A 79 -9.08 5.01 16.98
C PHE A 79 -8.80 5.49 15.57
N HIS A 80 -9.86 5.68 14.81
CA HIS A 80 -9.78 6.16 13.44
C HIS A 80 -10.21 7.62 13.45
N PHE A 81 -9.37 8.51 12.97
CA PHE A 81 -9.61 9.93 13.17
C PHE A 81 -10.18 10.58 11.91
N GLY A 82 -11.04 11.56 12.12
CA GLY A 82 -11.31 12.56 11.12
C GLY A 82 -12.52 12.33 10.26
N HIS A 83 -13.21 11.21 10.42
CA HIS A 83 -14.31 10.87 9.55
C HIS A 83 -15.48 10.38 10.37
N ALA A 84 -16.67 10.56 9.82
CA ALA A 84 -17.83 9.90 10.38
C ALA A 84 -17.71 8.41 10.14
N GLY A 85 -18.33 7.63 11.02
CA GLY A 85 -18.28 6.19 10.87
C GLY A 85 -18.83 5.73 9.53
N MET A 86 -18.26 4.64 9.04
CA MET A 86 -18.74 3.91 7.86
C MET A 86 -18.66 2.43 8.17
N GLY A 87 -19.71 1.69 7.80
CA GLY A 87 -19.76 0.28 8.11
C GLY A 87 -20.13 0.02 9.57
N GLU A 88 -19.64 -1.10 10.09
CA GLU A 88 -19.89 -1.49 11.47
C GLU A 88 -18.70 -2.33 11.90
N TYR A 89 -17.88 -1.80 12.79
CA TYR A 89 -16.65 -2.45 13.20
C TYR A 89 -16.70 -2.78 14.69
N GLU A 90 -16.05 -3.88 15.06
CA GLU A 90 -16.11 -4.32 16.45
C GLU A 90 -15.31 -3.38 17.35
N ASN A 91 -14.05 -3.10 17.00
CA ASN A 91 -13.19 -2.37 17.91
C ASN A 91 -12.58 -1.13 17.28
N VAL A 92 -13.29 -0.54 16.33
CA VAL A 92 -12.90 0.72 15.72
C VAL A 92 -13.81 1.82 16.28
N VAL A 93 -13.19 2.88 16.79
CA VAL A 93 -13.89 4.02 17.34
C VAL A 93 -13.55 5.22 16.45
N PHE A 94 -14.57 5.88 15.93
CA PHE A 94 -14.37 7.02 15.05
C PHE A 94 -14.32 8.30 15.86
N ILE A 95 -13.31 9.11 15.61
CA ILE A 95 -13.12 10.38 16.29
C ILE A 95 -13.32 11.44 15.24
N GLU A 96 -14.34 12.28 15.43
N GLU A 96 -14.42 12.16 15.34
CA GLU A 96 -14.97 12.98 14.31
CA GLU A 96 -14.73 13.18 14.36
C GLU A 96 -14.13 14.12 13.75
C GLU A 96 -13.80 14.37 14.54
N ALA A 97 -13.44 14.88 14.60
N ALA A 97 -13.38 14.95 13.43
CA ALA A 97 -12.62 16.02 14.17
CA ALA A 97 -12.53 16.13 13.41
C ALA A 97 -13.39 17.04 13.33
C ALA A 97 -13.38 17.27 12.86
N ARG A 98 -14.10 17.97 13.97
N ARG A 98 -14.13 17.92 13.75
CA ARG A 98 -14.94 18.94 13.29
CA ARG A 98 -15.03 18.99 13.33
C ARG A 98 -14.26 20.30 13.20
C ARG A 98 -14.26 20.29 13.18
N SER A 99 -14.80 21.16 12.34
CA SER A 99 -14.23 22.49 12.08
C SER A 99 -14.91 23.56 12.94
N ASN A 100 -14.14 24.59 13.28
CA ASN A 100 -14.61 25.72 14.08
C ASN A 100 -15.24 26.82 13.24
N ILE A 101 -15.06 26.76 11.92
CA ILE A 101 -15.34 27.90 11.06
C ILE A 101 -16.84 28.19 11.04
N ASP A 102 -17.19 29.48 11.10
CA ASP A 102 -18.58 29.88 11.03
C ASP A 102 -19.11 29.71 9.62
N ILE A 103 -20.22 28.99 9.48
CA ILE A 103 -20.82 28.76 8.16
C ILE A 103 -22.00 29.68 7.90
N ILE A 104 -22.53 30.35 8.92
CA ILE A 104 -23.73 31.19 8.73
C ILE A 104 -23.50 32.36 7.81
N PRO A 105 -22.34 33.05 7.81
CA PRO A 105 -22.13 34.09 6.77
C PRO A 105 -22.23 33.55 5.36
N ALA A 106 -21.68 32.36 5.11
CA ALA A 106 -21.78 31.75 3.79
C ALA A 106 -23.21 31.29 3.51
N VAL A 107 -23.96 30.90 4.54
CA VAL A 107 -25.33 30.47 4.31
C VAL A 107 -26.18 31.64 3.84
N LYS A 108 -26.09 32.78 4.53
CA LYS A 108 -26.86 33.96 4.15
C LYS A 108 -26.52 34.40 2.74
N THR A 109 -25.25 34.26 2.34
CA THR A 109 -24.86 34.60 0.97
C THR A 109 -25.61 33.78 -0.05
N ALA A 110 -25.77 32.47 0.19
CA ALA A 110 -26.48 31.62 -0.77
C ALA A 110 -27.98 31.87 -0.75
N LEU A 111 -28.50 32.52 0.29
CA LEU A 111 -29.93 32.80 0.36
C LEU A 111 -30.36 33.74 -0.76
N ASN A 112 -29.46 34.57 -1.27
CA ASN A 112 -29.79 35.49 -2.36
C ASN A 112 -29.82 34.82 -3.72
N LEU A 113 -29.38 33.56 -3.82
CA LEU A 113 -29.42 32.83 -5.09
C LEU A 113 -30.56 31.82 -5.16
N LEU A 114 -31.27 31.58 -4.06
CA LEU A 114 -32.34 30.61 -4.07
C LEU A 114 -33.47 31.06 -4.99
N LYS A 115 -33.95 30.15 -5.83
CA LYS A 115 -35.08 30.40 -6.71
C LYS A 115 -36.26 29.48 -6.40
N ALA A 116 -36.21 28.75 -5.28
CA ALA A 116 -37.29 27.89 -4.82
C ALA A 116 -37.54 28.17 -3.34
N ASN A 117 -38.50 27.45 -2.75
CA ASN A 117 -38.87 27.67 -1.35
C ASN A 117 -38.61 26.46 -0.44
N ARG A 118 -38.35 25.28 -0.99
CA ARG A 118 -38.07 24.07 -0.22
C ARG A 118 -36.60 23.72 -0.47
N ILE A 119 -35.76 23.96 0.53
CA ILE A 119 -34.31 23.91 0.39
C ILE A 119 -33.76 22.72 1.14
N GLY A 120 -33.00 21.88 0.44
CA GLY A 120 -32.28 20.77 1.07
C GLY A 120 -30.86 21.19 1.44
N LEU A 121 -30.43 20.75 2.62
CA LEU A 121 -29.12 21.09 3.16
C LEU A 121 -28.23 19.84 3.19
N ILE A 122 -27.01 19.96 2.65
CA ILE A 122 -26.02 18.89 2.71
C ILE A 122 -24.65 19.51 2.96
N THR A 123 -23.75 18.71 3.50
CA THR A 123 -22.42 19.18 3.85
C THR A 123 -21.53 17.97 4.10
N THR A 124 -20.30 18.22 4.56
CA THR A 124 -19.35 17.19 4.92
C THR A 124 -19.28 17.04 6.44
N VAL A 125 -18.52 16.03 6.88
CA VAL A 125 -18.44 15.70 8.30
C VAL A 125 -17.84 16.85 9.12
N GLN A 126 -16.98 17.66 8.51
CA GLN A 126 -16.37 18.78 9.24
C GLN A 126 -17.40 19.80 9.72
N HIS A 127 -18.49 19.97 8.98
CA HIS A 127 -19.47 21.01 9.25
C HIS A 127 -20.83 20.48 9.70
N VAL A 128 -20.99 19.16 9.80
CA VAL A 128 -22.30 18.57 9.96
C VAL A 128 -22.91 18.93 11.32
N HIS A 129 -22.08 19.21 12.32
CA HIS A 129 -22.60 19.61 13.62
C HIS A 129 -23.17 21.03 13.61
N LYS A 130 -23.07 21.74 12.50
CA LYS A 130 -23.55 23.11 12.43
C LYS A 130 -24.74 23.26 11.49
N LEU A 131 -25.27 22.15 10.98
CA LEU A 131 -26.35 22.21 10.01
C LEU A 131 -27.65 22.70 10.62
N GLU A 132 -27.93 22.32 11.87
CA GLU A 132 -29.20 22.72 12.48
C GLU A 132 -29.29 24.24 12.60
N GLU A 133 -28.19 24.87 13.02
CA GLU A 133 -28.09 26.33 13.01
C GLU A 133 -28.40 26.89 11.62
N ALA A 134 -27.76 26.33 10.60
CA ALA A 134 -28.02 26.77 9.23
C ALA A 134 -29.48 26.54 8.84
N CYS A 135 -30.07 25.44 9.31
CA CYS A 135 -31.47 25.16 9.00
C CYS A 135 -32.40 26.20 9.63
N LYS A 136 -32.05 26.71 10.81
CA LYS A 136 -32.89 27.72 11.44
C LYS A 136 -32.73 29.09 10.79
N VAL A 137 -31.55 29.43 10.28
CA VAL A 137 -31.39 30.68 9.55
C VAL A 137 -32.24 30.66 8.28
N ILE A 138 -32.20 29.54 7.56
CA ILE A 138 -32.99 29.42 6.33
C ILE A 138 -34.47 29.52 6.63
N LYS A 139 -34.90 28.96 7.77
CA LYS A 139 -36.33 28.95 8.10
C LYS A 139 -36.80 30.32 8.58
N GLU A 140 -35.92 31.12 9.17
CA GLU A 140 -36.31 32.47 9.55
C GLU A 140 -36.39 33.39 8.33
N TYR A 141 -35.52 33.16 7.35
CA TYR A 141 -35.58 33.81 6.05
C TYR A 141 -36.88 33.51 5.30
N GLY A 142 -37.71 32.60 5.81
CA GLY A 142 -39.02 32.34 5.25
C GLY A 142 -39.13 31.12 4.36
N LYS A 143 -38.13 30.24 4.36
CA LYS A 143 -38.09 29.06 3.51
C LYS A 143 -38.31 27.80 4.34
N GLU A 144 -38.64 26.70 3.66
CA GLU A 144 -38.63 25.39 4.28
C GLU A 144 -37.26 24.75 4.11
N CYS A 145 -36.90 23.90 5.06
CA CYS A 145 -35.55 23.36 5.10
C CYS A 145 -35.57 21.92 5.59
N VAL A 146 -35.14 21.01 4.75
CA VAL A 146 -35.03 19.59 5.07
C VAL A 146 -33.56 19.20 5.08
N ILE A 147 -33.23 18.26 5.97
CA ILE A 147 -31.91 17.66 6.07
C ILE A 147 -32.12 16.16 6.08
N GLY A 148 -31.80 15.50 4.97
CA GLY A 148 -32.01 14.08 4.88
C GLY A 148 -30.98 13.27 5.61
N LYS A 149 -31.38 12.04 5.94
CA LYS A 149 -30.50 11.07 6.57
C LYS A 149 -29.79 10.26 5.51
N GLY A 150 -28.49 10.05 5.70
CA GLY A 150 -27.72 9.28 4.76
C GLY A 150 -27.34 7.91 5.28
N ASP A 151 -26.04 7.67 5.46
CA ASP A 151 -25.51 6.46 6.06
C ASP A 151 -26.04 6.35 7.48
N PRO A 152 -26.86 5.34 7.81
CA PRO A 152 -27.35 5.22 9.20
C PRO A 152 -26.23 4.98 10.20
N ARG A 153 -25.08 4.47 9.76
CA ARG A 153 -23.92 4.23 10.60
C ARG A 153 -23.08 5.48 10.84
N ALA A 154 -23.61 6.66 10.46
CA ALA A 154 -22.98 7.95 10.76
C ALA A 154 -23.99 8.78 11.54
N ILE A 155 -23.60 9.17 12.76
CA ILE A 155 -24.52 9.74 13.74
C ILE A 155 -25.23 11.00 13.24
N TYR A 156 -24.69 11.66 12.21
CA TYR A 156 -25.16 12.97 11.80
C TYR A 156 -25.79 12.94 10.42
N PRO A 157 -26.98 13.51 10.23
CA PRO A 157 -27.63 13.55 8.93
C PRO A 157 -27.19 14.74 8.07
N GLY A 158 -27.55 14.66 6.78
CA GLY A 158 -27.13 15.65 5.81
C GLY A 158 -25.69 15.53 5.30
N GLN A 159 -25.00 14.43 5.61
CA GLN A 159 -23.60 14.28 5.22
C GLN A 159 -23.49 13.61 3.86
N VAL A 160 -22.69 14.20 2.95
CA VAL A 160 -22.41 13.56 1.67
C VAL A 160 -20.95 13.15 1.61
N LEU A 161 -20.70 12.14 0.79
CA LEU A 161 -19.38 11.67 0.42
C LEU A 161 -19.31 11.65 -1.09
N GLY A 162 -18.08 11.57 -1.63
CA GLY A 162 -17.90 11.41 -3.06
C GLY A 162 -18.58 10.18 -3.63
N CYS A 163 -18.87 9.19 -2.79
CA CYS A 163 -19.46 7.94 -3.22
C CYS A 163 -20.85 7.71 -2.62
N ASN A 164 -21.43 8.70 -1.98
CA ASN A 164 -22.67 8.46 -1.23
C ASN A 164 -23.47 9.76 -1.22
N PHE A 165 -24.56 9.79 -2.00
CA PHE A 165 -25.43 10.96 -2.09
C PHE A 165 -26.82 10.70 -1.52
N THR A 166 -26.97 9.70 -0.64
CA THR A 166 -28.28 9.41 -0.05
C THR A 166 -28.77 10.53 0.87
N ALA A 167 -27.89 11.36 1.43
CA ALA A 167 -28.39 12.51 2.19
C ALA A 167 -29.06 13.54 1.29
N ALA A 168 -28.89 13.46 -0.02
CA ALA A 168 -29.50 14.39 -0.96
C ALA A 168 -30.77 13.82 -1.59
N ARG A 169 -31.23 12.67 -1.15
CA ARG A 169 -32.46 12.07 -1.69
C ARG A 169 -33.58 12.43 -0.73
N VAL A 170 -34.09 13.65 -0.89
CA VAL A 170 -35.09 14.23 0.00
C VAL A 170 -36.13 14.96 -0.83
N ASP A 171 -37.29 15.18 -0.21
CA ASP A 171 -38.33 16.03 -0.80
C ASP A 171 -37.88 17.48 -0.62
N CYS A 172 -37.30 18.04 -1.67
CA CYS A 172 -36.91 19.44 -1.70
C CYS A 172 -36.75 19.85 -3.16
N GLU A 173 -36.60 21.15 -3.38
CA GLU A 173 -36.52 21.69 -4.74
C GLU A 173 -35.10 22.07 -5.16
N GLU A 174 -34.32 22.68 -4.26
CA GLU A 174 -32.93 23.04 -4.52
C GLU A 174 -32.08 22.65 -3.33
N PHE A 175 -30.77 22.69 -3.51
CA PHE A 175 -29.84 22.35 -2.43
C PHE A 175 -28.88 23.48 -2.18
N ILE A 176 -28.61 23.72 -0.90
CA ILE A 176 -27.43 24.47 -0.49
C ILE A 176 -26.42 23.47 0.02
N TYR A 177 -25.26 23.39 -0.62
CA TYR A 177 -24.15 22.58 -0.13
C TYR A 177 -23.18 23.47 0.63
N ILE A 178 -22.82 23.06 1.83
CA ILE A 178 -21.92 23.84 2.68
C ILE A 178 -20.56 23.12 2.73
N GLY A 179 -19.55 23.79 2.22
CA GLY A 179 -18.21 23.23 2.21
C GLY A 179 -17.39 23.84 1.09
N SER A 180 -16.14 23.41 1.03
CA SER A 180 -15.21 23.78 -0.02
C SER A 180 -15.20 22.71 -1.11
N GLY A 181 -14.59 23.03 -2.24
CA GLY A 181 -14.46 22.04 -3.28
C GLY A 181 -15.73 21.86 -4.10
N ILE A 182 -15.57 21.45 -5.35
CA ILE A 182 -16.68 21.45 -6.28
C ILE A 182 -17.23 20.06 -6.54
N PHE A 183 -16.56 19.00 -6.09
CA PHE A 183 -16.98 17.66 -6.48
C PHE A 183 -18.33 17.29 -5.88
N HIS A 184 -18.50 17.45 -4.57
CA HIS A 184 -19.74 17.03 -3.94
C HIS A 184 -20.96 17.74 -4.48
N PRO A 185 -21.01 19.08 -4.56
CA PRO A 185 -22.22 19.70 -5.11
C PRO A 185 -22.46 19.29 -6.56
N LEU A 186 -21.38 19.04 -7.31
CA LEU A 186 -21.51 18.52 -8.67
C LEU A 186 -22.23 17.18 -8.66
N GLY A 187 -21.79 16.26 -7.82
CA GLY A 187 -22.40 14.95 -7.80
C GLY A 187 -23.86 14.99 -7.36
N VAL A 188 -24.18 15.87 -6.40
CA VAL A 188 -25.56 16.01 -5.98
C VAL A 188 -26.42 16.46 -7.16
N ALA A 189 -25.99 17.55 -7.81
CA ALA A 189 -26.66 18.07 -9.00
C ALA A 189 -26.95 16.94 -10.00
N ILE A 190 -25.95 16.14 -10.32
CA ILE A 190 -26.13 15.08 -11.29
C ILE A 190 -27.05 13.99 -10.75
N ALA A 191 -26.86 13.61 -9.48
CA ALA A 191 -27.64 12.51 -8.93
C ALA A 191 -29.10 12.91 -8.71
N THR A 192 -29.36 14.20 -8.46
CA THR A 192 -30.74 14.63 -8.18
C THR A 192 -31.42 15.32 -9.37
N LYS A 193 -30.66 15.82 -10.34
CA LYS A 193 -31.20 16.67 -11.41
C LYS A 193 -31.80 17.94 -10.85
N LYS A 194 -31.23 18.45 -9.76
CA LYS A 194 -31.70 19.64 -9.08
C LYS A 194 -30.59 20.68 -9.01
N ARG A 195 -31.01 21.94 -8.81
CA ARG A 195 -30.07 23.04 -8.71
C ARG A 195 -29.33 23.00 -7.38
N VAL A 196 -28.01 23.14 -7.43
CA VAL A 196 -27.16 23.10 -6.24
C VAL A 196 -26.37 24.40 -6.15
N ILE A 197 -26.44 25.04 -4.99
CA ILE A 197 -25.68 26.23 -4.69
C ILE A 197 -24.57 25.85 -3.72
N ALA A 198 -23.33 26.10 -4.11
CA ALA A 198 -22.17 25.78 -3.28
C ALA A 198 -21.81 27.01 -2.46
N ALA A 199 -22.01 26.92 -1.15
CA ALA A 199 -21.61 27.95 -0.20
C ALA A 199 -20.28 27.56 0.43
N ASP A 200 -19.21 28.26 0.08
CA ASP A 200 -17.89 27.99 0.63
C ASP A 200 -17.71 28.82 1.90
N PRO A 201 -17.71 28.22 3.09
CA PRO A 201 -17.51 29.02 4.31
C PRO A 201 -16.07 29.50 4.47
N PHE A 202 -15.10 28.83 3.85
CA PHE A 202 -13.71 29.26 3.86
C PHE A 202 -13.45 30.43 2.92
N LEU A 203 -14.47 30.90 2.20
CA LEU A 203 -14.39 32.10 1.36
C LEU A 203 -15.56 33.06 1.54
N ASN A 204 -16.58 32.71 2.32
CA ASN A 204 -17.79 33.53 2.46
C ASN A 204 -18.38 33.90 1.09
N GLN A 205 -18.36 32.93 0.17
CA GLN A 205 -18.93 33.10 -1.17
C GLN A 205 -19.89 31.94 -1.46
N ALA A 206 -20.88 32.21 -2.32
CA ALA A 206 -21.85 31.20 -2.71
C ALA A 206 -22.11 31.27 -4.21
N VAL A 207 -21.97 30.13 -4.89
CA VAL A 207 -22.14 30.11 -6.34
C VAL A 207 -22.98 28.89 -6.72
N GLU A 208 -23.72 29.02 -7.80
CA GLU A 208 -24.40 27.87 -8.39
C GLU A 208 -23.39 27.00 -9.13
N VAL A 209 -23.59 25.69 -9.03
CA VAL A 209 -22.75 24.73 -9.71
C VAL A 209 -23.49 24.23 -10.93
N SER A 210 -22.81 24.23 -12.09
CA SER A 210 -23.38 23.68 -13.30
C SER A 210 -22.64 22.42 -13.67
N PRO A 211 -23.32 21.27 -13.72
CA PRO A 211 -22.66 20.01 -14.11
C PRO A 211 -22.52 19.78 -15.60
N GLU A 212 -22.86 20.74 -16.45
CA GLU A 212 -22.75 20.50 -17.88
C GLU A 212 -21.29 20.31 -18.29
N ARG A 213 -20.39 21.11 -17.71
CA ARG A 213 -18.98 21.01 -18.07
C ARG A 213 -18.42 19.66 -17.62
N PHE A 214 -18.77 19.25 -16.40
CA PHE A 214 -18.42 17.92 -15.90
C PHE A 214 -18.89 16.83 -16.87
N LEU A 215 -20.15 16.92 -17.33
CA LEU A 215 -20.73 15.88 -18.18
C LEU A 215 -20.09 15.84 -19.54
N ARG A 216 -19.70 17.00 -20.07
CA ARG A 216 -18.96 17.01 -21.35
C ARG A 216 -17.61 16.31 -21.20
N LYS A 217 -16.87 16.59 -20.12
CA LYS A 217 -15.56 15.97 -19.94
C LYS A 217 -15.67 14.45 -19.85
N ARG A 218 -16.70 13.94 -19.15
CA ARG A 218 -16.86 12.49 -19.04
C ARG A 218 -17.28 11.87 -20.36
N GLY A 219 -18.18 12.53 -21.11
CA GLY A 219 -18.51 12.06 -22.45
C GLY A 219 -17.29 11.98 -23.35
N GLY A 220 -16.31 12.85 -23.10
CA GLY A 220 -15.04 12.78 -23.82
C GLY A 220 -14.22 11.56 -23.47
N TYR A 221 -14.25 11.13 -22.21
CA TYR A 221 -13.53 9.89 -21.87
C TYR A 221 -14.24 8.67 -22.43
N ILE A 222 -15.57 8.70 -22.45
CA ILE A 222 -16.34 7.64 -23.08
C ILE A 222 -16.00 7.54 -24.57
N ALA A 223 -16.08 8.68 -25.27
CA ALA A 223 -15.75 8.69 -26.70
C ALA A 223 -14.35 8.17 -26.92
N LYS A 224 -13.42 8.57 -26.06
CA LYS A 224 -12.00 8.24 -26.16
C LYS A 224 -11.74 6.75 -25.98
N ALA A 225 -12.69 6.00 -25.42
CA ALA A 225 -12.49 4.58 -25.16
C ALA A 225 -13.31 3.70 -26.08
N THR A 226 -14.04 4.28 -27.03
CA THR A 226 -14.89 3.51 -27.92
C THR A 226 -14.11 2.48 -28.71
N GLY A 227 -12.86 2.80 -29.08
CA GLY A 227 -12.07 1.83 -29.79
C GLY A 227 -11.31 0.85 -28.94
N ALA A 228 -11.38 0.97 -27.60
CA ALA A 228 -10.61 0.10 -26.74
C ALA A 228 -11.08 -1.34 -26.88
N LYS A 229 -10.13 -2.27 -26.90
CA LYS A 229 -10.44 -3.70 -26.97
C LYS A 229 -10.12 -4.44 -25.70
N ILE A 230 -9.08 -4.03 -24.97
CA ILE A 230 -8.64 -4.68 -23.75
C ILE A 230 -8.84 -3.71 -22.59
N PHE A 231 -9.59 -4.14 -21.58
CA PHE A 231 -9.92 -3.31 -20.43
C PHE A 231 -9.31 -3.92 -19.17
N GLY A 232 -8.69 -3.07 -18.36
CA GLY A 232 -8.31 -3.46 -17.01
C GLY A 232 -9.41 -3.08 -16.03
N ILE A 233 -9.95 -4.05 -15.32
CA ILE A 233 -11.01 -3.82 -14.35
C ILE A 233 -10.34 -3.81 -12.99
N ILE A 234 -10.33 -2.65 -12.33
CA ILE A 234 -9.57 -2.40 -11.12
C ILE A 234 -10.44 -2.65 -9.90
N VAL A 235 -9.93 -3.46 -8.98
CA VAL A 235 -10.56 -3.75 -7.70
C VAL A 235 -9.62 -3.34 -6.59
N SER A 236 -10.15 -2.72 -5.55
CA SER A 236 -9.35 -2.38 -4.38
C SER A 236 -9.76 -3.25 -3.19
N THR A 237 -8.76 -3.65 -2.39
CA THR A 237 -8.97 -4.43 -1.18
C THR A 237 -9.29 -3.57 0.03
N LYS A 238 -9.23 -2.25 -0.07
CA LYS A 238 -9.58 -1.39 1.05
C LYS A 238 -10.99 -1.71 1.55
N SER A 239 -11.16 -1.60 2.89
CA SER A 239 -12.30 -2.20 3.57
C SER A 239 -13.64 -1.76 2.97
N GLY A 240 -13.78 -0.47 2.67
CA GLY A 240 -15.00 0.07 2.09
C GLY A 240 -14.99 0.30 0.59
N GLN A 241 -13.98 -0.17 -0.14
CA GLN A 241 -13.92 0.10 -1.58
C GLN A 241 -13.98 -1.14 -2.44
N TYR A 242 -14.06 -2.32 -1.82
CA TYR A 242 -13.93 -3.61 -2.50
C TYR A 242 -15.26 -3.98 -3.18
N ARG A 243 -15.22 -4.13 -4.50
CA ARG A 243 -16.41 -4.47 -5.30
C ARG A 243 -16.07 -5.54 -6.34
N MET A 244 -15.60 -6.70 -5.87
CA MET A 244 -15.21 -7.79 -6.78
C MET A 244 -16.42 -8.35 -7.53
N LYS A 245 -17.57 -8.42 -6.87
CA LYS A 245 -18.77 -8.97 -7.50
C LYS A 245 -19.16 -8.13 -8.71
N LEU A 246 -19.15 -6.79 -8.56
CA LEU A 246 -19.35 -5.91 -9.70
C LEU A 246 -18.28 -6.11 -10.76
N ALA A 247 -17.03 -6.19 -10.34
CA ALA A 247 -15.93 -6.38 -11.29
C ALA A 247 -16.11 -7.64 -12.11
N GLN A 248 -16.66 -8.69 -11.51
CA GLN A 248 -16.82 -9.93 -12.26
C GLN A 248 -18.00 -9.83 -13.22
N LYS A 249 -19.06 -9.12 -12.83
CA LYS A 249 -20.14 -8.82 -13.77
C LYS A 249 -19.63 -8.01 -14.95
N LEU A 250 -18.80 -6.99 -14.69
CA LEU A 250 -18.29 -6.16 -15.78
C LEU A 250 -17.41 -6.96 -16.73
N LYS A 251 -16.65 -7.92 -16.20
CA LYS A 251 -15.88 -8.80 -17.07
C LYS A 251 -16.81 -9.61 -17.97
N GLU A 252 -17.92 -10.10 -17.42
CA GLU A 252 -18.87 -10.88 -18.21
C GLU A 252 -19.56 -10.01 -19.25
N ILE A 253 -20.03 -8.83 -18.84
CA ILE A 253 -20.54 -7.84 -19.79
C ILE A 253 -19.52 -7.57 -20.90
N ALA A 254 -18.27 -7.34 -20.52
CA ALA A 254 -17.25 -7.09 -21.52
C ALA A 254 -17.21 -8.21 -22.54
N ASP A 255 -17.13 -9.45 -22.07
CA ASP A 255 -16.98 -10.59 -22.96
C ASP A 255 -18.21 -10.76 -23.84
N LYS A 256 -19.39 -10.53 -23.27
CA LYS A 256 -20.63 -10.56 -24.05
C LYS A 256 -20.59 -9.62 -25.25
N HIS A 257 -19.75 -8.58 -25.24
CA HIS A 257 -19.68 -7.63 -26.34
C HIS A 257 -18.39 -7.76 -27.14
N GLY A 258 -17.75 -8.92 -27.11
CA GLY A 258 -16.56 -9.11 -27.89
C GLY A 258 -15.32 -8.37 -27.41
N LYS A 259 -15.37 -7.74 -26.23
CA LYS A 259 -14.20 -7.12 -25.63
C LYS A 259 -13.64 -8.00 -24.53
N ILE A 260 -12.48 -7.63 -24.01
CA ILE A 260 -11.81 -8.43 -22.98
C ILE A 260 -11.52 -7.55 -21.76
N GLY A 261 -11.83 -8.08 -20.59
CA GLY A 261 -11.51 -7.43 -19.34
C GLY A 261 -10.65 -8.36 -18.49
N TYR A 262 -9.67 -7.80 -17.81
CA TYR A 262 -8.86 -8.52 -16.84
C TYR A 262 -9.00 -7.82 -15.51
N ILE A 263 -9.30 -8.58 -14.47
CA ILE A 263 -9.47 -8.05 -13.14
C ILE A 263 -8.10 -7.88 -12.49
N ILE A 264 -7.85 -6.68 -12.00
CA ILE A 264 -6.60 -6.35 -11.33
C ILE A 264 -6.95 -5.94 -9.90
N LEU A 265 -6.53 -6.75 -8.94
CA LEU A 265 -6.80 -6.53 -7.53
C LEU A 265 -5.59 -5.88 -6.87
N MET A 266 -5.80 -4.71 -6.24
CA MET A 266 -4.70 -4.00 -5.62
C MET A 266 -5.21 -3.26 -4.38
N ASP A 267 -4.29 -2.60 -3.67
CA ASP A 267 -4.62 -1.83 -2.46
C ASP A 267 -4.80 -0.36 -2.85
N LEU A 268 -3.68 0.34 -3.00
CA LEU A 268 -3.69 1.66 -3.60
C LEU A 268 -3.92 1.57 -5.10
N VAL A 269 -4.79 2.43 -5.61
CA VAL A 269 -5.05 2.57 -7.04
C VAL A 269 -4.39 3.86 -7.51
N THR A 270 -3.26 3.75 -8.21
CA THR A 270 -2.43 4.87 -8.61
C THR A 270 -2.12 4.80 -10.10
N PRO A 271 -1.92 5.94 -10.76
CA PRO A 271 -1.50 5.88 -12.17
C PRO A 271 -0.28 5.02 -12.39
N GLU A 272 0.70 5.05 -11.47
CA GLU A 272 1.95 4.30 -11.67
C GLU A 272 1.71 2.79 -11.75
N GLN A 273 0.89 2.26 -10.85
CA GLN A 273 0.58 0.84 -10.88
C GLN A 273 -0.25 0.45 -12.11
N LEU A 274 -1.15 1.32 -12.57
CA LEU A 274 -1.87 1.02 -13.81
C LEU A 274 -0.96 1.07 -15.02
N LEU A 275 0.04 1.94 -15.00
CA LEU A 275 0.99 2.03 -16.10
C LEU A 275 1.74 0.72 -16.30
N ALA A 276 1.83 -0.10 -15.27
CA ALA A 276 2.56 -1.36 -15.37
C ALA A 276 1.78 -2.41 -16.16
N PHE A 277 0.45 -2.27 -16.30
CA PHE A 277 -0.38 -3.19 -17.07
C PHE A 277 -0.94 -2.41 -18.25
N LYS A 278 -0.32 -2.52 -19.40
CA LYS A 278 -0.79 -1.74 -20.55
C LYS A 278 -2.08 -2.35 -21.09
N ALA A 279 -3.18 -1.66 -20.88
CA ALA A 279 -4.45 -1.92 -21.52
C ALA A 279 -4.88 -0.68 -22.27
N ASP A 280 -5.96 -0.80 -23.06
CA ASP A 280 -6.47 0.33 -23.81
C ASP A 280 -7.31 1.28 -22.94
N ALA A 281 -7.98 0.77 -21.92
CA ALA A 281 -8.77 1.60 -21.03
C ALA A 281 -8.94 0.85 -19.73
N TYR A 282 -9.41 1.56 -18.72
CA TYR A 282 -9.60 0.93 -17.42
C TYR A 282 -11.00 1.22 -16.92
N VAL A 283 -11.50 0.32 -16.07
CA VAL A 283 -12.77 0.51 -15.39
C VAL A 283 -12.48 0.45 -13.90
N ASN A 284 -12.76 1.55 -13.20
CA ASN A 284 -12.42 1.67 -11.79
C ASN A 284 -13.62 1.29 -10.93
N THR A 285 -13.54 0.16 -10.24
CA THR A 285 -14.58 -0.17 -9.27
C THR A 285 -14.21 0.26 -7.85
N ALA A 286 -13.11 0.99 -7.66
CA ALA A 286 -12.71 1.43 -6.33
C ALA A 286 -13.31 2.81 -6.10
N CYS A 287 -12.74 3.60 -5.18
CA CYS A 287 -13.17 4.97 -4.87
C CYS A 287 -13.60 5.73 -6.11
N PRO A 288 -14.86 6.15 -6.22
CA PRO A 288 -15.32 6.86 -7.42
C PRO A 288 -14.56 8.15 -7.69
N ARG A 289 -14.00 8.77 -6.64
CA ARG A 289 -13.28 10.03 -6.83
C ARG A 289 -11.96 9.84 -7.55
N ILE A 290 -11.34 8.65 -7.48
CA ILE A 290 -10.14 8.38 -8.28
C ILE A 290 -10.42 8.67 -9.75
N THR A 291 -11.58 8.20 -10.23
CA THR A 291 -11.91 8.32 -11.65
C THR A 291 -12.00 9.78 -12.07
N ILE A 292 -12.50 10.65 -11.19
CA ILE A 292 -12.75 12.04 -11.55
C ILE A 292 -11.57 12.93 -11.20
N ASP A 293 -11.14 12.89 -9.92
CA ASP A 293 -10.06 13.76 -9.45
C ASP A 293 -8.71 13.42 -10.08
N ASP A 294 -8.48 12.16 -10.43
CA ASP A 294 -7.19 11.76 -10.97
C ASP A 294 -7.24 11.42 -12.44
N ALA A 295 -8.31 11.83 -13.15
CA ALA A 295 -8.51 11.44 -14.54
C ALA A 295 -7.33 11.82 -15.43
N GLU A 296 -6.84 13.06 -15.29
CA GLU A 296 -5.78 13.56 -16.16
C GLU A 296 -4.42 12.96 -15.84
N ARG A 297 -4.26 12.26 -14.72
CA ARG A 297 -3.00 11.66 -14.35
C ARG A 297 -2.80 10.28 -14.94
N PHE A 298 -3.84 9.66 -15.51
CA PHE A 298 -3.71 8.32 -16.09
C PHE A 298 -3.35 8.39 -17.58
N HIS A 299 -2.71 7.33 -18.05
CA HIS A 299 -2.17 7.29 -19.40
C HIS A 299 -3.18 6.79 -20.42
N ALA A 300 -4.35 6.36 -19.97
CA ALA A 300 -5.43 5.86 -20.81
C ALA A 300 -6.73 6.10 -20.07
N PRO A 301 -7.87 6.14 -20.76
CA PRO A 301 -9.12 6.52 -20.09
C PRO A 301 -9.50 5.57 -18.95
N VAL A 302 -9.89 6.15 -17.82
CA VAL A 302 -10.37 5.40 -16.67
C VAL A 302 -11.86 5.71 -16.53
N LEU A 303 -12.68 4.67 -16.52
CA LEU A 303 -14.12 4.78 -16.60
C LEU A 303 -14.77 4.33 -15.31
N THR A 304 -15.88 4.98 -14.94
CA THR A 304 -16.75 4.42 -13.92
C THR A 304 -17.40 3.17 -14.48
N PRO A 305 -17.92 2.30 -13.62
CA PRO A 305 -18.68 1.14 -14.13
C PRO A 305 -19.81 1.51 -15.09
N GLN A 306 -20.57 2.57 -14.82
N GLN A 306 -20.55 2.59 -14.80
CA GLN A 306 -21.68 2.90 -15.71
CA GLN A 306 -21.68 2.97 -15.65
C GLN A 306 -21.21 3.53 -17.02
C GLN A 306 -21.21 3.52 -16.99
N GLU A 307 -20.14 4.31 -16.99
CA GLU A 307 -19.57 4.80 -18.25
C GLU A 307 -19.06 3.64 -19.10
N PHE A 308 -18.49 2.61 -18.47
CA PHE A 308 -18.09 1.40 -19.18
C PHE A 308 -19.29 0.78 -19.89
N GLU A 309 -20.39 0.57 -19.16
CA GLU A 309 -21.63 0.09 -19.77
C GLU A 309 -22.02 0.93 -20.97
N ILE A 310 -21.89 2.25 -20.87
CA ILE A 310 -22.26 3.12 -21.99
C ILE A 310 -21.34 2.89 -23.17
N VAL A 311 -20.05 2.65 -22.90
CA VAL A 311 -19.05 2.43 -23.94
C VAL A 311 -19.35 1.16 -24.73
N LEU A 312 -19.83 0.13 -24.04
CA LEU A 312 -20.10 -1.15 -24.69
C LEU A 312 -21.51 -1.24 -25.28
N GLY A 313 -22.46 -0.46 -24.78
CA GLY A 313 -23.82 -0.48 -25.27
C GLY A 313 -24.85 -0.95 -24.26
N GLU A 314 -24.44 -1.40 -23.07
CA GLU A 314 -25.39 -1.91 -22.09
C GLU A 314 -26.19 -0.82 -21.38
N ARG A 315 -25.82 0.44 -21.55
CA ARG A 315 -26.53 1.56 -20.95
C ARG A 315 -26.48 2.71 -21.93
N ARG A 316 -27.53 3.52 -21.91
CA ARG A 316 -27.64 4.67 -22.78
C ARG A 316 -27.11 5.90 -22.06
N TRP A 317 -26.53 6.82 -22.85
CA TRP A 317 -25.89 7.99 -22.27
C TRP A 317 -26.84 8.76 -21.35
N GLU A 318 -28.14 8.79 -21.69
CA GLU A 318 -29.09 9.54 -20.88
C GLU A 318 -29.37 8.89 -19.53
N ASN A 319 -28.87 7.68 -19.29
CA ASN A 319 -29.04 6.99 -18.01
C ASN A 319 -27.76 6.97 -17.19
N MET A 320 -26.83 7.88 -17.47
CA MET A 320 -25.58 7.88 -16.73
C MET A 320 -25.81 8.45 -15.34
N GLU A 321 -25.53 7.63 -14.33
CA GLU A 321 -25.65 7.98 -12.94
C GLU A 321 -24.27 8.21 -12.34
N MET A 322 -24.22 8.94 -11.24
CA MET A 322 -22.98 9.04 -10.47
C MET A 322 -22.63 7.65 -9.95
N ASP A 323 -21.32 7.36 -9.91
CA ASP A 323 -20.83 6.12 -9.32
C ASP A 323 -20.90 6.25 -7.79
N GLU A 324 -21.64 5.36 -7.14
CA GLU A 324 -21.78 5.38 -5.69
C GLU A 324 -21.36 4.04 -5.13
N MET A 325 -20.71 4.07 -3.96
CA MET A 325 -20.16 2.87 -3.32
C MET A 325 -21.28 2.00 -2.82
N ILE A 326 -21.47 0.86 -3.49
CA ILE A 326 -22.44 -0.14 -3.09
C ILE A 326 -21.74 -1.48 -3.19
N GLN A 327 -21.15 -1.92 -2.07
CA GLN A 327 -20.44 -3.19 -1.99
C GLN A 327 -21.37 -4.41 -1.99
N PHE B 10 10.03 -18.98 -18.76
CA PHE B 10 9.52 -20.02 -17.87
C PHE B 10 8.53 -20.99 -18.54
N ASP B 11 7.94 -21.85 -17.73
CA ASP B 11 7.18 -23.00 -18.21
C ASP B 11 5.68 -22.73 -18.13
N LEU B 12 5.11 -22.26 -19.25
CA LEU B 12 3.65 -22.14 -19.30
C LEU B 12 2.96 -23.50 -19.19
N GLU B 13 3.57 -24.55 -19.76
CA GLU B 13 2.85 -25.81 -19.89
C GLU B 13 2.64 -26.49 -18.54
N ARG B 14 3.60 -26.38 -17.62
CA ARG B 14 3.40 -26.87 -16.26
C ARG B 14 2.33 -26.07 -15.53
N ILE B 15 2.22 -24.77 -15.81
CA ILE B 15 1.16 -23.97 -15.18
C ILE B 15 -0.21 -24.46 -15.61
N LEU B 16 -0.40 -24.63 -16.92
CA LEU B 16 -1.71 -25.06 -17.41
C LEU B 16 -2.04 -26.46 -16.91
N LYS B 17 -1.06 -27.37 -16.95
CA LYS B 17 -1.30 -28.71 -16.46
C LYS B 17 -1.71 -28.70 -14.99
N THR B 18 -0.99 -27.92 -14.17
CA THR B 18 -1.36 -27.80 -12.77
C THR B 18 -2.80 -27.29 -12.61
N ILE B 19 -3.16 -26.25 -13.35
CA ILE B 19 -4.50 -25.68 -13.23
C ILE B 19 -5.57 -26.69 -13.60
N LYS B 20 -5.33 -27.48 -14.65
CA LYS B 20 -6.39 -28.37 -15.13
C LYS B 20 -6.53 -29.59 -14.24
N ASP B 21 -5.42 -30.11 -13.71
CA ASP B 21 -5.47 -31.30 -12.88
C ASP B 21 -6.12 -31.02 -11.54
N LYS B 22 -5.89 -29.83 -10.99
CA LYS B 22 -6.47 -29.41 -9.71
C LYS B 22 -7.89 -28.87 -9.87
N ASN B 23 -8.36 -28.74 -11.10
CA ASN B 23 -9.69 -28.23 -11.43
C ASN B 23 -9.95 -26.86 -10.80
N CYS B 24 -9.03 -25.94 -11.07
CA CYS B 24 -9.18 -24.59 -10.54
C CYS B 24 -10.29 -23.83 -11.24
N LYS B 25 -11.06 -23.09 -10.47
CA LYS B 25 -11.99 -22.11 -11.03
C LYS B 25 -11.45 -20.70 -11.00
N LYS B 26 -10.55 -20.39 -10.08
CA LYS B 26 -10.01 -19.05 -9.94
C LYS B 26 -8.52 -19.17 -9.67
N VAL B 27 -7.72 -18.39 -10.41
CA VAL B 27 -6.27 -18.45 -10.33
C VAL B 27 -5.76 -17.04 -10.09
N GLY B 28 -4.74 -16.90 -9.25
CA GLY B 28 -4.11 -15.62 -8.99
C GLY B 28 -2.75 -15.60 -9.66
N LEU B 29 -2.35 -14.40 -10.11
CA LEU B 29 -0.99 -14.16 -10.64
C LEU B 29 -0.37 -12.98 -9.88
N GLN B 30 0.87 -13.15 -9.43
CA GLN B 30 1.64 -12.09 -8.78
C GLN B 30 3.01 -12.03 -9.42
N PHE B 31 3.48 -10.82 -9.75
CA PHE B 31 4.73 -10.60 -10.46
C PHE B 31 5.53 -9.49 -9.79
N PRO B 32 6.86 -9.55 -9.84
CA PRO B 32 7.67 -8.38 -9.52
C PRO B 32 7.58 -7.34 -10.63
N GLU B 33 8.04 -6.13 -10.34
N GLU B 33 8.07 -6.14 -10.31
CA GLU B 33 7.77 -5.00 -11.24
CA GLU B 33 7.92 -4.95 -11.15
C GLU B 33 8.31 -5.23 -12.64
C GLU B 33 8.33 -5.21 -12.59
N GLY B 34 9.45 -5.92 -12.78
CA GLY B 34 9.98 -6.14 -14.11
C GLY B 34 9.20 -7.15 -14.94
N LEU B 35 8.47 -8.04 -14.28
CA LEU B 35 7.70 -9.07 -14.98
C LEU B 35 6.24 -8.70 -15.15
N LYS B 36 5.77 -7.60 -14.54
CA LYS B 36 4.36 -7.22 -14.66
C LYS B 36 3.93 -6.96 -16.09
N ARG B 37 4.86 -6.57 -16.97
CA ARG B 37 4.48 -6.34 -18.36
C ARG B 37 4.02 -7.62 -19.06
N GLN B 38 4.24 -8.79 -18.46
CA GLN B 38 3.78 -10.06 -18.98
C GLN B 38 2.43 -10.51 -18.42
N ALA B 39 1.88 -9.80 -17.43
CA ALA B 39 0.75 -10.32 -16.66
C ALA B 39 -0.46 -10.56 -17.53
N ILE B 40 -0.78 -9.62 -18.41
CA ILE B 40 -1.98 -9.71 -19.24
C ILE B 40 -1.86 -10.84 -20.26
N ASN B 41 -0.68 -11.00 -20.86
CA ASN B 41 -0.47 -12.12 -21.78
C ASN B 41 -0.68 -13.45 -21.08
N ILE B 42 -0.14 -13.60 -19.88
CA ILE B 42 -0.24 -14.87 -19.17
C ILE B 42 -1.66 -15.12 -18.71
N ALA B 43 -2.33 -14.08 -18.19
CA ALA B 43 -3.75 -14.21 -17.87
C ALA B 43 -4.57 -14.63 -19.08
N ARG B 44 -4.31 -14.02 -20.24
CA ARG B 44 -5.05 -14.40 -21.45
C ARG B 44 -4.83 -15.86 -21.80
N GLU B 45 -3.58 -16.32 -21.73
CA GLU B 45 -3.27 -17.71 -22.03
C GLU B 45 -4.00 -18.67 -21.10
N ILE B 46 -4.08 -18.35 -19.81
CA ILE B 46 -4.73 -19.24 -18.86
C ILE B 46 -6.24 -19.29 -19.10
N GLU B 47 -6.83 -18.15 -19.47
CA GLU B 47 -8.27 -18.11 -19.70
C GLU B 47 -8.65 -18.79 -21.02
N GLU B 48 -7.76 -18.78 -22.01
CA GLU B 48 -8.06 -19.42 -23.29
C GLU B 48 -7.89 -20.93 -23.22
N LYS B 49 -7.00 -21.41 -22.37
CA LYS B 49 -6.59 -22.81 -22.39
C LYS B 49 -7.05 -23.57 -21.16
N THR B 50 -7.83 -22.94 -20.29
CA THR B 50 -8.35 -23.58 -19.10
C THR B 50 -9.73 -23.00 -18.85
N ARG B 51 -10.41 -23.59 -17.90
CA ARG B 51 -11.69 -23.07 -17.46
C ARG B 51 -11.57 -22.05 -16.33
N ALA B 52 -10.36 -21.76 -15.86
CA ALA B 52 -10.16 -20.88 -14.71
C ALA B 52 -10.38 -19.42 -15.10
N ASN B 53 -10.79 -18.62 -14.12
CA ASN B 53 -10.81 -17.17 -14.21
C ASN B 53 -9.61 -16.62 -13.45
N VAL B 54 -8.99 -15.56 -13.99
CA VAL B 54 -7.70 -15.10 -13.49
C VAL B 54 -7.85 -13.74 -12.81
N ILE B 55 -7.21 -13.60 -11.66
CA ILE B 55 -7.06 -12.30 -10.99
C ILE B 55 -5.58 -12.01 -10.90
N ILE B 56 -5.21 -10.80 -11.32
CA ILE B 56 -3.83 -10.32 -11.32
C ILE B 56 -3.62 -9.42 -10.10
N SER B 57 -2.56 -9.67 -9.34
CA SER B 57 -2.25 -8.78 -8.25
C SER B 57 -1.63 -7.51 -8.80
N GLY B 58 -2.16 -6.37 -8.41
CA GLY B 58 -1.64 -5.13 -8.90
C GLY B 58 -0.71 -4.40 -7.97
N ASN B 59 -0.48 -4.93 -6.76
CA ASN B 59 0.42 -4.27 -5.83
C ASN B 59 1.87 -4.45 -6.26
N PRO B 60 2.75 -3.51 -5.89
CA PRO B 60 4.19 -3.79 -5.99
C PRO B 60 4.52 -5.07 -5.23
N CYS B 61 5.46 -5.83 -5.77
CA CYS B 61 5.84 -7.09 -5.15
C CYS B 61 7.36 -7.20 -5.17
N PHE B 62 7.98 -7.37 -4.01
CA PHE B 62 9.42 -7.28 -3.92
C PHE B 62 10.13 -8.60 -3.76
N GLY B 63 9.41 -9.69 -3.55
CA GLY B 63 10.06 -10.98 -3.39
C GLY B 63 9.10 -12.01 -2.84
N ALA B 64 9.64 -13.19 -2.58
CA ALA B 64 8.89 -14.26 -1.94
C ALA B 64 8.59 -13.95 -0.48
N CYS B 65 9.16 -12.88 0.06
CA CYS B 65 8.78 -12.31 1.34
C CYS B 65 7.51 -11.49 1.24
N ASP B 66 6.93 -11.35 0.05
CA ASP B 66 5.88 -10.39 -0.20
C ASP B 66 4.78 -11.09 -1.00
N ILE B 67 4.20 -12.12 -0.40
CA ILE B 67 3.10 -12.86 -1.00
C ILE B 67 1.83 -12.04 -0.83
N ASP B 68 1.02 -11.98 -1.87
CA ASP B 68 -0.26 -11.27 -1.82
C ASP B 68 -1.26 -12.25 -1.23
N THR B 69 -1.39 -12.20 0.11
CA THR B 69 -2.15 -13.20 0.84
C THR B 69 -3.66 -12.97 0.78
N ILE B 70 -4.08 -11.73 0.55
CA ILE B 70 -5.50 -11.51 0.28
C ILE B 70 -5.89 -12.17 -1.02
N LEU B 71 -5.09 -11.98 -2.08
CA LEU B 71 -5.38 -12.66 -3.35
C LEU B 71 -5.34 -14.18 -3.17
N ALA B 72 -4.28 -14.70 -2.53
CA ALA B 72 -4.16 -16.15 -2.34
C ALA B 72 -5.37 -16.72 -1.62
N GLY B 73 -5.91 -15.98 -0.66
CA GLY B 73 -7.08 -16.42 0.09
C GLY B 73 -8.38 -16.41 -0.69
N SER B 74 -8.41 -15.80 -1.87
CA SER B 74 -9.62 -15.78 -2.68
C SER B 74 -9.49 -16.52 -4.00
N VAL B 75 -8.40 -17.27 -4.22
CA VAL B 75 -8.23 -18.06 -5.42
C VAL B 75 -7.83 -19.47 -5.01
N ASP B 76 -8.05 -20.43 -5.91
CA ASP B 76 -7.64 -21.80 -5.62
C ASP B 76 -6.12 -21.95 -5.63
N ILE B 77 -5.44 -21.22 -6.50
CA ILE B 77 -3.98 -21.31 -6.61
C ILE B 77 -3.46 -19.94 -6.96
N LEU B 78 -2.40 -19.52 -6.30
CA LEU B 78 -1.71 -18.27 -6.63
C LEU B 78 -0.37 -18.62 -7.25
N PHE B 79 -0.15 -18.21 -8.49
CA PHE B 79 1.17 -18.34 -9.10
C PHE B 79 1.97 -17.06 -8.86
N HIS B 80 3.13 -17.24 -8.27
CA HIS B 80 4.03 -16.19 -7.88
C HIS B 80 5.29 -16.32 -8.71
N PHE B 81 5.59 -15.30 -9.52
CA PHE B 81 6.67 -15.39 -10.48
C PHE B 81 7.92 -14.68 -9.98
N GLY B 82 9.08 -15.21 -10.36
CA GLY B 82 10.32 -14.46 -10.34
C GLY B 82 11.21 -14.69 -9.15
N HIS B 83 10.74 -15.39 -8.12
CA HIS B 83 11.55 -15.67 -6.95
C HIS B 83 11.44 -17.15 -6.63
N ALA B 84 12.37 -17.62 -5.83
CA ALA B 84 12.23 -18.95 -5.25
C ALA B 84 11.34 -18.83 -4.03
N GLY B 85 10.58 -19.89 -3.78
CA GLY B 85 9.76 -19.97 -2.59
C GLY B 85 10.50 -19.73 -1.29
N MET B 86 9.73 -19.71 -0.21
CA MET B 86 10.10 -19.27 1.13
C MET B 86 8.79 -19.44 1.86
N GLY B 87 8.81 -19.55 3.19
CA GLY B 87 7.55 -19.73 3.88
C GLY B 87 6.81 -20.99 3.41
N GLU B 88 5.59 -21.15 3.92
CA GLU B 88 4.76 -22.32 3.62
C GLU B 88 3.31 -21.85 3.47
N TYR B 89 2.95 -21.46 2.25
CA TYR B 89 1.58 -21.10 1.92
C TYR B 89 0.99 -22.22 1.07
N GLU B 90 -0.21 -22.70 1.45
CA GLU B 90 -0.70 -23.97 0.95
C GLU B 90 -1.01 -23.92 -0.55
N ASN B 91 -1.56 -22.80 -1.04
CA ASN B 91 -1.98 -22.71 -2.44
C ASN B 91 -1.14 -21.74 -3.25
N VAL B 92 0.14 -21.59 -2.92
CA VAL B 92 1.05 -20.70 -3.64
C VAL B 92 2.08 -21.54 -4.36
N VAL B 93 2.16 -21.39 -5.68
CA VAL B 93 3.15 -22.04 -6.53
C VAL B 93 4.15 -20.98 -6.99
N PHE B 94 5.44 -21.24 -6.78
CA PHE B 94 6.51 -20.31 -7.14
C PHE B 94 7.11 -20.71 -8.47
N ILE B 95 7.26 -19.74 -9.37
CA ILE B 95 7.72 -19.96 -10.72
C ILE B 95 9.04 -19.21 -10.85
N GLU B 96 10.16 -19.93 -10.71
CA GLU B 96 11.46 -19.28 -10.68
C GLU B 96 11.86 -18.74 -12.05
N ALA B 97 12.70 -17.71 -12.04
CA ALA B 97 13.29 -17.12 -13.24
C ALA B 97 14.80 -17.35 -13.20
N ARG B 98 15.22 -18.55 -13.62
CA ARG B 98 16.64 -18.87 -13.72
C ARG B 98 17.33 -17.99 -14.77
N SER B 99 18.42 -17.35 -14.38
CA SER B 99 19.30 -16.71 -15.36
C SER B 99 20.05 -17.77 -16.12
N ASN B 100 20.33 -17.50 -17.40
CA ASN B 100 21.13 -18.43 -18.19
C ASN B 100 22.46 -17.82 -18.63
N ILE B 101 22.86 -16.69 -18.02
CA ILE B 101 24.18 -16.14 -18.28
C ILE B 101 25.25 -17.12 -17.80
N ASP B 102 26.36 -17.19 -18.55
CA ASP B 102 27.49 -18.04 -18.20
C ASP B 102 28.26 -17.40 -17.07
N ILE B 103 28.42 -18.12 -15.95
CA ILE B 103 29.20 -17.63 -14.81
C ILE B 103 30.65 -18.12 -14.81
N ILE B 104 30.98 -19.14 -15.61
CA ILE B 104 32.31 -19.75 -15.51
C ILE B 104 33.44 -18.77 -15.79
N PRO B 105 33.36 -17.90 -16.80
CA PRO B 105 34.47 -16.93 -16.98
C PRO B 105 34.72 -16.05 -15.77
N ALA B 106 33.65 -15.57 -15.11
CA ALA B 106 33.83 -14.77 -13.90
C ALA B 106 34.48 -15.60 -12.79
N VAL B 107 34.13 -16.87 -12.70
CA VAL B 107 34.77 -17.76 -11.74
C VAL B 107 36.26 -17.85 -12.03
N LYS B 108 36.60 -18.11 -13.30
CA LYS B 108 38.00 -18.19 -13.71
C LYS B 108 38.73 -16.87 -13.46
N THR B 109 38.06 -15.75 -13.69
CA THR B 109 38.67 -14.46 -13.38
C THR B 109 38.92 -14.32 -11.89
N ALA B 110 38.07 -14.89 -11.04
CA ALA B 110 38.24 -14.78 -9.59
C ALA B 110 39.32 -15.69 -9.02
N LEU B 111 39.68 -16.78 -9.73
CA LEU B 111 40.72 -17.68 -9.24
C LEU B 111 42.00 -16.92 -8.92
N ASN B 112 42.36 -15.96 -9.77
CA ASN B 112 43.62 -15.23 -9.60
C ASN B 112 43.70 -14.53 -8.25
N LEU B 113 42.59 -14.05 -7.73
CA LEU B 113 42.60 -13.32 -6.46
C LEU B 113 42.57 -14.24 -5.24
N LEU B 114 42.47 -15.55 -5.45
CA LEU B 114 42.38 -16.48 -4.32
C LEU B 114 43.69 -16.57 -3.55
N LYS B 115 43.59 -16.51 -2.22
CA LYS B 115 44.74 -16.67 -1.32
C LYS B 115 44.75 -17.98 -0.53
N ALA B 116 43.61 -18.65 -0.38
CA ALA B 116 43.49 -19.82 0.49
C ALA B 116 43.20 -21.07 -0.32
N ASN B 117 43.04 -22.20 0.38
CA ASN B 117 42.84 -23.49 -0.27
C ASN B 117 41.42 -24.04 -0.18
N ARG B 118 40.60 -23.55 0.76
CA ARG B 118 39.23 -24.04 0.93
C ARG B 118 38.26 -22.89 0.66
N ILE B 119 37.54 -22.97 -0.45
CA ILE B 119 36.75 -21.86 -0.95
C ILE B 119 35.27 -22.16 -0.76
N GLY B 120 34.53 -21.21 -0.20
CA GLY B 120 33.09 -21.26 -0.21
C GLY B 120 32.52 -20.48 -1.39
N LEU B 121 31.43 -21.01 -1.94
CA LEU B 121 30.71 -20.37 -3.04
C LEU B 121 29.34 -19.92 -2.57
N ILE B 122 28.95 -18.69 -2.94
CA ILE B 122 27.60 -18.20 -2.69
C ILE B 122 27.15 -17.39 -3.90
N THR B 123 25.84 -17.31 -4.08
CA THR B 123 25.28 -16.62 -5.23
C THR B 123 23.82 -16.29 -4.96
N THR B 124 23.20 -15.60 -5.91
CA THR B 124 21.77 -15.33 -5.81
C THR B 124 20.99 -16.44 -6.50
N VAL B 125 19.67 -16.44 -6.29
CA VAL B 125 18.84 -17.55 -6.73
C VAL B 125 18.90 -17.75 -8.23
N GLN B 126 19.20 -16.70 -9.01
CA GLN B 126 19.18 -16.84 -10.45
C GLN B 126 20.28 -17.73 -10.96
N HIS B 127 21.40 -17.83 -10.23
CA HIS B 127 22.59 -18.56 -10.66
C HIS B 127 22.79 -19.85 -9.90
N VAL B 128 21.86 -20.22 -9.03
CA VAL B 128 22.13 -21.27 -8.08
C VAL B 128 22.23 -22.63 -8.76
N HIS B 129 21.51 -22.84 -9.86
CA HIS B 129 21.64 -24.07 -10.65
C HIS B 129 22.97 -24.21 -11.41
N LYS B 130 23.84 -23.19 -11.41
CA LYS B 130 25.10 -23.28 -12.14
C LYS B 130 26.31 -23.44 -11.21
N LEU B 131 26.08 -23.61 -9.90
CA LEU B 131 27.20 -23.62 -8.97
C LEU B 131 28.00 -24.92 -9.04
N GLU B 132 27.37 -26.03 -9.43
CA GLU B 132 28.12 -27.29 -9.48
C GLU B 132 29.27 -27.19 -10.48
N GLU B 133 28.97 -26.75 -11.70
CA GLU B 133 29.99 -26.46 -12.70
C GLU B 133 31.09 -25.55 -12.17
N ALA B 134 30.71 -24.49 -11.44
CA ALA B 134 31.74 -23.59 -10.91
C ALA B 134 32.61 -24.31 -9.90
N CYS B 135 32.00 -25.23 -9.14
CA CYS B 135 32.72 -25.99 -8.14
C CYS B 135 33.77 -26.90 -8.77
N LYS B 136 33.40 -27.57 -9.87
CA LYS B 136 34.35 -28.43 -10.58
C LYS B 136 35.56 -27.63 -11.05
N VAL B 137 35.34 -26.43 -11.59
CA VAL B 137 36.44 -25.60 -12.06
C VAL B 137 37.40 -25.27 -10.93
N ILE B 138 36.85 -24.86 -9.78
CA ILE B 138 37.68 -24.50 -8.62
C ILE B 138 38.44 -25.70 -8.10
N LYS B 139 37.80 -26.87 -8.13
CA LYS B 139 38.48 -28.11 -7.75
C LYS B 139 39.67 -28.37 -8.66
N GLU B 140 39.43 -28.33 -9.98
CA GLU B 140 40.50 -28.60 -10.94
C GLU B 140 41.66 -27.64 -10.76
N TYR B 141 41.38 -26.41 -10.33
CA TYR B 141 42.44 -25.48 -9.95
C TYR B 141 43.23 -25.95 -8.73
N GLY B 142 42.79 -27.02 -8.08
CA GLY B 142 43.51 -27.53 -6.94
C GLY B 142 43.04 -27.07 -5.59
N LYS B 143 41.86 -26.46 -5.49
CA LYS B 143 41.37 -25.99 -4.20
C LYS B 143 40.20 -26.85 -3.76
N GLU B 144 39.82 -26.68 -2.49
CA GLU B 144 38.60 -27.29 -1.99
C GLU B 144 37.45 -26.30 -2.13
N CYS B 145 36.29 -26.82 -2.51
CA CYS B 145 35.15 -25.97 -2.75
C CYS B 145 33.94 -26.55 -2.04
N VAL B 146 33.22 -25.69 -1.32
CA VAL B 146 32.07 -26.11 -0.54
C VAL B 146 30.92 -25.14 -0.80
N ILE B 147 29.73 -25.69 -0.95
CA ILE B 147 28.50 -24.93 -1.17
C ILE B 147 27.63 -25.13 0.07
N GLY B 148 27.48 -24.09 0.88
CA GLY B 148 26.71 -24.22 2.10
C GLY B 148 25.22 -24.33 1.86
N LYS B 149 24.51 -24.82 2.86
CA LYS B 149 23.06 -24.99 2.76
C LYS B 149 22.29 -23.98 3.60
N PRO B 152 16.34 -22.57 5.16
CA PRO B 152 14.92 -22.80 4.81
C PRO B 152 14.31 -21.62 4.04
N ARG B 153 14.61 -20.41 4.49
CA ARG B 153 14.28 -19.18 3.75
C ARG B 153 15.04 -19.18 2.42
N ALA B 154 16.37 -19.07 2.50
CA ALA B 154 17.25 -19.32 1.34
C ALA B 154 17.30 -20.84 1.15
N ILE B 155 16.29 -21.36 0.46
CA ILE B 155 16.07 -22.80 0.35
C ILE B 155 17.09 -23.49 -0.55
N TYR B 156 17.94 -22.73 -1.27
CA TYR B 156 18.84 -23.40 -2.20
C TYR B 156 20.27 -23.42 -1.69
N PRO B 157 21.02 -24.50 -1.92
CA PRO B 157 22.44 -24.53 -1.54
C PRO B 157 23.17 -23.36 -2.19
N GLY B 158 23.94 -22.65 -1.38
CA GLY B 158 24.75 -21.55 -1.85
C GLY B 158 24.01 -20.26 -2.12
N GLN B 159 22.70 -20.20 -1.91
CA GLN B 159 21.94 -18.98 -2.16
C GLN B 159 21.97 -18.06 -0.94
N VAL B 160 22.34 -16.79 -1.17
CA VAL B 160 22.18 -15.76 -0.14
C VAL B 160 21.08 -14.81 -0.59
N LEU B 161 20.45 -14.17 0.40
CA LEU B 161 19.45 -13.13 0.20
C LEU B 161 19.91 -11.91 0.97
N GLY B 162 19.32 -10.76 0.67
CA GLY B 162 19.64 -9.56 1.44
C GLY B 162 19.41 -9.72 2.92
N CYS B 163 18.54 -10.65 3.31
CA CYS B 163 18.13 -10.86 4.69
C CYS B 163 18.56 -12.22 5.22
N ASN B 164 19.45 -12.91 4.51
CA ASN B 164 19.75 -14.29 4.89
C ASN B 164 21.13 -14.67 4.38
N PHE B 165 22.06 -14.94 5.30
CA PHE B 165 23.41 -15.32 4.94
C PHE B 165 23.78 -16.69 5.49
N THR B 166 22.79 -17.56 5.78
CA THR B 166 23.11 -18.85 6.36
C THR B 166 23.90 -19.74 5.40
N ALA B 167 23.74 -19.56 4.09
CA ALA B 167 24.52 -20.34 3.13
C ALA B 167 26.01 -20.04 3.24
N ALA B 168 26.38 -18.93 3.86
CA ALA B 168 27.77 -18.61 4.10
C ALA B 168 28.26 -19.05 5.46
N ARG B 169 27.39 -19.69 6.25
CA ARG B 169 27.80 -20.27 7.53
C ARG B 169 28.25 -21.71 7.27
N VAL B 170 29.44 -21.82 6.69
CA VAL B 170 29.99 -23.09 6.26
C VAL B 170 31.49 -22.98 6.49
N ASP B 171 32.14 -24.12 6.67
CA ASP B 171 33.55 -24.12 7.05
C ASP B 171 34.41 -23.90 5.82
N CYS B 172 35.06 -22.75 5.75
CA CYS B 172 35.94 -22.42 4.63
C CYS B 172 36.74 -21.19 5.03
N GLU B 173 37.71 -20.85 4.21
CA GLU B 173 38.60 -19.74 4.52
C GLU B 173 38.24 -18.47 3.77
N GLU B 174 37.73 -18.61 2.55
CA GLU B 174 37.46 -17.51 1.64
C GLU B 174 36.18 -17.80 0.89
N PHE B 175 35.54 -16.74 0.40
CA PHE B 175 34.32 -16.87 -0.37
C PHE B 175 34.48 -16.23 -1.73
N ILE B 176 33.92 -16.87 -2.75
CA ILE B 176 33.64 -16.24 -4.03
C ILE B 176 32.13 -16.00 -4.11
N TYR B 177 31.73 -14.74 -4.21
CA TYR B 177 30.35 -14.41 -4.54
C TYR B 177 30.23 -14.24 -6.04
N ILE B 178 29.27 -14.94 -6.63
CA ILE B 178 28.95 -14.82 -8.04
C ILE B 178 27.64 -14.05 -8.17
N GLY B 179 27.68 -12.90 -8.82
CA GLY B 179 26.50 -12.09 -9.03
C GLY B 179 26.85 -10.63 -9.18
N SER B 180 25.81 -9.81 -9.33
CA SER B 180 26.03 -8.38 -9.40
C SER B 180 25.80 -7.74 -8.04
N GLY B 181 26.28 -6.51 -7.90
CA GLY B 181 26.07 -5.75 -6.68
C GLY B 181 27.10 -6.07 -5.61
N ILE B 182 27.07 -5.26 -4.55
CA ILE B 182 28.01 -5.37 -3.44
C ILE B 182 27.35 -5.70 -2.12
N PHE B 183 26.01 -5.63 -2.02
CA PHE B 183 25.36 -5.85 -0.74
C PHE B 183 25.55 -7.28 -0.24
N HIS B 184 25.32 -8.27 -1.10
CA HIS B 184 25.50 -9.65 -0.67
C HIS B 184 26.94 -9.95 -0.28
N PRO B 185 27.96 -9.64 -1.09
CA PRO B 185 29.35 -9.91 -0.64
C PRO B 185 29.75 -9.09 0.57
N LEU B 186 29.30 -7.83 0.66
CA LEU B 186 29.55 -7.06 1.87
C LEU B 186 28.93 -7.77 3.07
N GLY B 187 27.69 -8.23 2.92
CA GLY B 187 27.02 -8.90 4.03
C GLY B 187 27.74 -10.16 4.47
N VAL B 188 28.15 -10.98 3.49
CA VAL B 188 28.95 -12.17 3.79
C VAL B 188 30.21 -11.79 4.56
N ALA B 189 30.91 -10.74 4.11
CA ALA B 189 32.16 -10.36 4.78
C ALA B 189 31.92 -9.88 6.20
N ILE B 190 30.80 -9.21 6.45
CA ILE B 190 30.50 -8.77 7.82
C ILE B 190 30.04 -9.94 8.68
N ALA B 191 29.22 -10.82 8.12
CA ALA B 191 28.69 -11.94 8.89
C ALA B 191 29.79 -12.92 9.32
N THR B 192 30.77 -13.17 8.45
CA THR B 192 31.73 -14.24 8.69
C THR B 192 33.14 -13.74 8.96
N LYS B 193 33.43 -12.47 8.73
CA LYS B 193 34.78 -11.92 8.93
C LYS B 193 35.82 -12.60 8.05
N LYS B 194 35.39 -13.20 6.95
CA LYS B 194 36.32 -13.82 6.01
C LYS B 194 36.49 -12.95 4.78
N ARG B 195 37.52 -13.29 4.00
CA ARG B 195 37.81 -12.62 2.75
C ARG B 195 36.78 -13.02 1.69
N VAL B 196 36.29 -12.04 0.94
CA VAL B 196 35.25 -12.27 -0.07
C VAL B 196 35.68 -11.66 -1.39
N ILE B 197 35.62 -12.46 -2.45
CA ILE B 197 35.82 -11.99 -3.80
C ILE B 197 34.47 -11.99 -4.51
N ALA B 198 34.13 -10.87 -5.13
CA ALA B 198 32.90 -10.74 -5.89
C ALA B 198 33.22 -10.92 -7.36
N ALA B 199 32.54 -11.85 -8.02
CA ALA B 199 32.80 -12.14 -9.42
C ALA B 199 31.53 -11.86 -10.21
N ASP B 200 31.54 -10.79 -10.99
CA ASP B 200 30.35 -10.39 -11.73
C ASP B 200 30.31 -11.14 -13.06
N PRO B 201 29.30 -11.97 -13.32
CA PRO B 201 29.27 -12.74 -14.56
C PRO B 201 28.81 -11.96 -15.78
N PHE B 202 28.25 -10.74 -15.60
CA PHE B 202 27.80 -9.94 -16.72
C PHE B 202 28.93 -9.11 -17.29
N LEU B 203 29.81 -8.60 -16.43
CA LEU B 203 31.01 -7.89 -16.86
C LEU B 203 32.24 -8.78 -16.97
N ASN B 204 32.24 -9.96 -16.33
CA ASN B 204 33.42 -10.82 -16.21
C ASN B 204 34.58 -10.05 -15.58
N GLN B 205 34.31 -9.53 -14.39
CA GLN B 205 35.30 -8.87 -13.54
C GLN B 205 35.20 -9.47 -12.15
N ALA B 206 36.30 -9.39 -11.40
CA ALA B 206 36.31 -9.89 -10.03
C ALA B 206 37.17 -8.98 -9.17
N VAL B 207 36.67 -8.68 -7.97
CA VAL B 207 37.33 -7.75 -7.07
C VAL B 207 37.09 -8.23 -5.64
N GLU B 208 38.12 -8.09 -4.81
CA GLU B 208 37.94 -8.27 -3.38
C GLU B 208 37.02 -7.20 -2.83
N VAL B 209 36.06 -7.62 -2.03
CA VAL B 209 35.10 -6.74 -1.39
C VAL B 209 35.51 -6.57 0.06
N SER B 210 35.67 -5.33 0.50
CA SER B 210 36.10 -5.02 1.85
C SER B 210 35.06 -4.15 2.53
N PRO B 211 34.64 -4.51 3.75
CA PRO B 211 33.51 -3.81 4.39
C PRO B 211 33.86 -2.48 5.07
N GLU B 212 35.13 -2.07 5.11
CA GLU B 212 35.52 -0.92 5.92
C GLU B 212 34.74 0.34 5.53
N ARG B 213 34.52 0.54 4.23
CA ARG B 213 33.84 1.75 3.78
C ARG B 213 32.34 1.69 4.06
N PHE B 214 31.75 0.50 3.99
CA PHE B 214 30.33 0.33 4.30
C PHE B 214 30.07 0.61 5.78
N LEU B 215 30.87 0.01 6.65
CA LEU B 215 30.71 0.21 8.09
C LEU B 215 30.91 1.66 8.47
N ARG B 216 31.90 2.31 7.87
CA ARG B 216 32.08 3.74 8.10
C ARG B 216 30.85 4.52 7.70
N LYS B 217 30.25 4.17 6.56
CA LYS B 217 29.01 4.85 6.15
C LYS B 217 27.88 4.58 7.14
N ARG B 218 27.75 3.33 7.60
CA ARG B 218 26.71 3.04 8.58
C ARG B 218 27.00 3.75 9.90
N GLY B 219 28.28 3.99 10.21
CA GLY B 219 28.63 4.68 11.45
C GLY B 219 28.11 6.11 11.49
N GLY B 220 28.09 6.79 10.35
CA GLY B 220 27.54 8.13 10.31
C GLY B 220 26.04 8.19 10.60
N TYR B 221 25.28 7.20 10.11
CA TYR B 221 23.85 7.21 10.43
C TYR B 221 23.60 6.93 11.90
N ILE B 222 24.43 6.08 12.51
CA ILE B 222 24.37 5.91 13.96
C ILE B 222 24.71 7.21 14.68
N ALA B 223 25.75 7.91 14.21
CA ALA B 223 26.10 9.21 14.80
C ALA B 223 24.94 10.19 14.69
N LYS B 224 24.33 10.32 13.51
CA LYS B 224 23.26 11.30 13.35
C LYS B 224 22.05 10.95 14.22
N ALA B 225 21.85 9.66 14.50
CA ALA B 225 20.66 9.19 15.20
C ALA B 225 20.80 9.23 16.72
N THR B 226 22.02 9.24 17.25
CA THR B 226 22.17 9.34 18.70
C THR B 226 21.57 10.64 19.23
N GLY B 227 21.56 11.69 18.42
CA GLY B 227 20.90 12.90 18.87
C GLY B 227 19.38 12.86 18.87
N ALA B 228 18.76 11.76 18.48
CA ALA B 228 17.32 11.75 18.21
C ALA B 228 16.49 11.58 19.48
N LYS B 229 15.40 12.35 19.55
CA LYS B 229 14.50 12.30 20.69
C LYS B 229 13.43 11.22 20.53
N ILE B 230 12.80 11.14 19.38
CA ILE B 230 11.67 10.24 19.14
C ILE B 230 11.99 9.33 17.97
N PHE B 231 11.95 8.01 18.19
CA PHE B 231 12.16 7.02 17.16
C PHE B 231 10.83 6.43 16.71
N GLY B 232 10.66 6.29 15.40
CA GLY B 232 9.58 5.48 14.85
C GLY B 232 10.12 4.09 14.53
N ILE B 233 9.43 3.08 15.04
CA ILE B 233 9.85 1.70 14.88
C ILE B 233 8.94 1.07 13.83
N ILE B 234 9.47 0.84 12.64
CA ILE B 234 8.70 0.46 11.46
C ILE B 234 8.50 -1.05 11.43
N VAL B 235 7.26 -1.48 11.24
CA VAL B 235 6.89 -2.87 11.03
C VAL B 235 6.15 -2.94 9.71
N SER B 236 6.45 -3.97 8.92
CA SER B 236 5.73 -4.21 7.67
C SER B 236 4.76 -5.39 7.84
N THR B 237 3.57 -5.26 7.28
CA THR B 237 2.62 -6.37 7.32
C THR B 237 2.89 -7.40 6.22
N LYS B 238 3.89 -7.17 5.37
CA LYS B 238 4.17 -8.13 4.30
C LYS B 238 4.48 -9.51 4.87
N SER B 239 3.98 -10.53 4.17
CA SER B 239 3.95 -11.90 4.66
C SER B 239 5.28 -12.34 5.25
N GLY B 240 6.38 -12.06 4.57
CA GLY B 240 7.69 -12.47 5.04
C GLY B 240 8.54 -11.37 5.65
N GLN B 241 7.98 -10.19 5.96
CA GLN B 241 8.79 -9.13 6.56
C GLN B 241 8.31 -8.72 7.94
N TYR B 242 7.22 -9.30 8.40
CA TYR B 242 6.53 -8.88 9.60
C TYR B 242 7.32 -9.28 10.82
N ARG B 243 7.76 -8.30 11.61
CA ARG B 243 8.51 -8.59 12.82
C ARG B 243 8.01 -7.71 13.98
N MET B 244 6.75 -7.92 14.36
CA MET B 244 6.17 -7.11 15.43
C MET B 244 6.82 -7.41 16.77
N LYS B 245 7.14 -8.69 17.02
CA LYS B 245 7.77 -9.06 18.29
C LYS B 245 9.11 -8.35 18.46
N LEU B 246 9.93 -8.36 17.42
CA LEU B 246 11.18 -7.61 17.43
C LEU B 246 10.91 -6.13 17.71
N ALA B 247 9.89 -5.56 17.08
CA ALA B 247 9.54 -4.15 17.30
C ALA B 247 9.20 -3.88 18.76
N GLN B 248 8.45 -4.78 19.39
CA GLN B 248 8.09 -4.61 20.79
C GLN B 248 9.30 -4.73 21.70
N LYS B 249 10.24 -5.63 21.36
CA LYS B 249 11.47 -5.73 22.15
C LYS B 249 12.28 -4.44 22.06
N LEU B 250 12.48 -3.94 20.84
CA LEU B 250 13.19 -2.69 20.64
C LEU B 250 12.53 -1.53 21.39
N LYS B 251 11.20 -1.46 21.38
CA LYS B 251 10.53 -0.38 22.12
C LYS B 251 10.82 -0.46 23.62
N GLU B 252 10.81 -1.67 24.19
CA GLU B 252 11.05 -1.82 25.62
C GLU B 252 12.51 -1.52 25.98
N ILE B 253 13.46 -2.02 25.18
CA ILE B 253 14.87 -1.76 25.43
C ILE B 253 15.19 -0.27 25.32
N ALA B 254 14.59 0.41 24.35
CA ALA B 254 14.77 1.85 24.24
C ALA B 254 14.28 2.56 25.48
N ASP B 255 13.12 2.14 25.99
CA ASP B 255 12.56 2.77 27.18
C ASP B 255 13.45 2.52 28.39
N LYS B 256 14.00 1.31 28.49
CA LYS B 256 15.00 1.02 29.52
C LYS B 256 16.15 2.02 29.52
N HIS B 257 16.45 2.61 28.36
CA HIS B 257 17.52 3.60 28.25
C HIS B 257 16.99 5.03 28.19
N GLY B 258 15.77 5.26 28.65
CA GLY B 258 15.19 6.59 28.62
C GLY B 258 14.97 7.15 27.23
N LYS B 259 14.76 6.30 26.23
CA LYS B 259 14.41 6.78 24.89
C LYS B 259 13.04 6.24 24.49
N ILE B 260 12.37 6.98 23.63
CA ILE B 260 10.98 6.74 23.30
C ILE B 260 10.88 6.31 21.84
N GLY B 261 10.23 5.18 21.62
CA GLY B 261 9.90 4.75 20.27
C GLY B 261 8.43 4.40 20.20
N TYR B 262 7.83 4.73 19.06
CA TYR B 262 6.46 4.33 18.77
C TYR B 262 6.48 3.38 17.58
N ILE B 263 5.71 2.32 17.67
CA ILE B 263 5.61 1.37 16.57
C ILE B 263 4.71 1.94 15.48
N ILE B 264 5.18 1.89 14.23
CA ILE B 264 4.43 2.30 13.06
C ILE B 264 4.26 1.09 12.17
N LEU B 265 3.01 0.69 11.97
CA LEU B 265 2.68 -0.50 11.20
C LEU B 265 2.22 -0.08 9.80
N MET B 266 2.88 -0.60 8.77
CA MET B 266 2.53 -0.26 7.40
C MET B 266 2.77 -1.46 6.49
N ASP B 267 2.36 -1.30 5.23
CA ASP B 267 2.58 -2.32 4.20
C ASP B 267 3.87 -2.00 3.45
N LEU B 268 3.79 -1.05 2.52
CA LEU B 268 4.97 -0.46 1.92
C LEU B 268 5.70 0.45 2.90
N VAL B 269 7.02 0.49 2.79
CA VAL B 269 7.86 1.30 3.63
C VAL B 269 8.60 2.24 2.68
N THR B 270 8.10 3.47 2.53
CA THR B 270 8.62 4.42 1.57
C THR B 270 8.98 5.71 2.27
N PRO B 271 9.91 6.48 1.70
CA PRO B 271 10.21 7.78 2.30
C PRO B 271 9.03 8.72 2.35
N GLU B 272 8.11 8.62 1.38
CA GLU B 272 6.93 9.49 1.37
C GLU B 272 6.04 9.21 2.57
N GLN B 273 5.76 7.93 2.85
CA GLN B 273 4.91 7.60 4.00
C GLN B 273 5.59 7.93 5.32
N LEU B 274 6.93 7.95 5.37
CA LEU B 274 7.60 8.26 6.62
C LEU B 274 7.71 9.76 6.84
N LEU B 275 7.83 10.53 5.76
CA LEU B 275 7.89 11.98 5.89
C LEU B 275 6.61 12.52 6.52
N ALA B 276 5.51 11.79 6.38
CA ALA B 276 4.25 12.21 6.98
C ALA B 276 4.31 12.30 8.51
N PHE B 277 5.26 11.65 9.16
CA PHE B 277 5.32 11.62 10.62
C PHE B 277 6.50 12.43 11.15
N LYS B 278 6.33 12.98 12.34
CA LYS B 278 7.32 13.91 12.91
C LYS B 278 8.32 13.21 13.82
N ALA B 279 8.90 12.09 13.38
CA ALA B 279 9.93 11.44 14.20
C ALA B 279 11.31 11.91 13.76
N ASP B 280 12.25 11.84 14.69
CA ASP B 280 13.63 12.25 14.42
C ASP B 280 14.47 11.16 13.78
N ALA B 281 14.12 9.90 13.99
CA ALA B 281 14.87 8.79 13.41
C ALA B 281 13.98 7.57 13.39
N TYR B 282 14.39 6.57 12.62
CA TYR B 282 13.56 5.39 12.42
C TYR B 282 14.38 4.14 12.62
N VAL B 283 13.73 3.12 13.16
CA VAL B 283 14.28 1.77 13.25
C VAL B 283 13.42 0.89 12.36
N ASN B 284 14.04 0.28 11.35
CA ASN B 284 13.33 -0.51 10.35
C ASN B 284 13.42 -1.99 10.71
N THR B 285 12.27 -2.62 11.03
CA THR B 285 12.23 -4.06 11.22
C THR B 285 11.77 -4.80 9.96
N ALA B 286 11.51 -4.09 8.87
CA ALA B 286 11.06 -4.72 7.63
C ALA B 286 12.28 -5.15 6.82
N CYS B 287 12.17 -5.19 5.49
CA CYS B 287 13.26 -5.61 4.62
C CYS B 287 14.56 -4.88 4.97
N PRO B 288 15.63 -5.60 5.33
CA PRO B 288 16.92 -4.95 5.65
C PRO B 288 17.50 -4.17 4.49
N ARG B 289 17.13 -4.49 3.25
CA ARG B 289 17.70 -3.75 2.13
C ARG B 289 17.14 -2.34 2.04
N ILE B 290 15.90 -2.13 2.51
CA ILE B 290 15.35 -0.78 2.62
C ILE B 290 16.31 0.13 3.37
N THR B 291 16.77 -0.34 4.53
CA THR B 291 17.66 0.45 5.39
C THR B 291 18.91 0.88 4.63
N ILE B 292 19.49 -0.03 3.86
CA ILE B 292 20.79 0.18 3.25
C ILE B 292 20.68 0.82 1.88
N ASP B 293 19.73 0.36 1.05
CA ASP B 293 19.67 0.75 -0.36
C ASP B 293 18.91 2.04 -0.56
N ASP B 294 17.92 2.32 0.28
CA ASP B 294 17.12 3.52 0.20
C ASP B 294 17.59 4.60 1.18
N ALA B 295 18.75 4.39 1.81
CA ALA B 295 19.31 5.25 2.84
C ALA B 295 19.19 6.73 2.52
N GLU B 296 19.82 7.16 1.43
CA GLU B 296 19.89 8.57 1.09
C GLU B 296 18.54 9.16 0.68
N ARG B 297 17.50 8.34 0.54
CA ARG B 297 16.18 8.82 0.15
C ARG B 297 15.33 9.28 1.32
N PHE B 298 15.72 8.95 2.56
CA PHE B 298 14.94 9.28 3.75
C PHE B 298 15.40 10.60 4.36
N HIS B 299 14.43 11.37 4.86
CA HIS B 299 14.73 12.66 5.47
C HIS B 299 15.43 12.51 6.81
N ALA B 300 15.02 11.54 7.62
CA ALA B 300 15.64 11.22 8.90
C ALA B 300 16.40 9.91 8.80
N PRO B 301 17.42 9.67 9.62
CA PRO B 301 18.18 8.42 9.50
C PRO B 301 17.33 7.20 9.84
N VAL B 302 17.52 6.14 9.05
CA VAL B 302 16.87 4.86 9.27
C VAL B 302 17.93 3.85 9.71
N LEU B 303 17.68 3.15 10.81
CA LEU B 303 18.64 2.21 11.35
C LEU B 303 18.13 0.77 11.25
N THR B 304 19.08 -0.17 11.17
CA THR B 304 18.76 -1.56 11.43
C THR B 304 18.52 -1.76 12.93
N PRO B 305 17.88 -2.85 13.31
CA PRO B 305 17.77 -3.14 14.75
C PRO B 305 19.12 -3.17 15.47
N GLN B 306 20.16 -3.76 14.87
CA GLN B 306 21.44 -3.87 15.58
C GLN B 306 22.11 -2.50 15.72
N GLU B 307 21.99 -1.65 14.69
CA GLU B 307 22.49 -0.28 14.79
C GLU B 307 21.73 0.51 15.85
N PHE B 308 20.44 0.23 16.02
CA PHE B 308 19.67 0.88 17.08
C PHE B 308 20.17 0.44 18.45
N GLU B 309 20.48 -0.85 18.60
CA GLU B 309 21.09 -1.32 19.83
C GLU B 309 22.42 -0.62 20.10
N ILE B 310 23.17 -0.28 19.06
CA ILE B 310 24.43 0.43 19.28
C ILE B 310 24.15 1.86 19.76
N VAL B 311 23.20 2.55 19.10
CA VAL B 311 22.76 3.88 19.54
C VAL B 311 22.37 3.90 21.02
N LEU B 312 21.78 2.82 21.51
CA LEU B 312 21.31 2.71 22.89
C LEU B 312 22.38 2.21 23.86
N GLY B 313 23.59 1.91 23.39
CA GLY B 313 24.58 1.30 24.25
C GLY B 313 24.29 -0.14 24.64
N GLU B 314 23.40 -0.83 23.93
CA GLU B 314 23.16 -2.23 24.23
C GLU B 314 24.11 -3.15 23.51
N ARG B 315 24.90 -2.64 22.57
CA ARG B 315 25.73 -3.44 21.70
C ARG B 315 26.95 -2.61 21.37
N ARG B 316 28.12 -3.24 21.43
CA ARG B 316 29.35 -2.53 21.12
C ARG B 316 29.43 -2.30 19.62
N TRP B 317 29.91 -1.11 19.24
CA TRP B 317 30.04 -0.79 17.82
C TRP B 317 30.88 -1.82 17.08
N GLU B 318 31.87 -2.40 17.76
CA GLU B 318 32.69 -3.45 17.17
C GLU B 318 31.89 -4.73 16.88
N ASN B 319 30.77 -4.96 17.57
CA ASN B 319 29.99 -6.18 17.38
C ASN B 319 28.77 -5.96 16.47
N MET B 320 28.88 -5.05 15.51
CA MET B 320 27.77 -4.84 14.59
C MET B 320 27.68 -5.99 13.59
N GLU B 321 26.45 -6.34 13.24
CA GLU B 321 26.16 -7.54 12.46
C GLU B 321 25.09 -7.20 11.42
N MET B 322 24.98 -8.08 10.43
CA MET B 322 23.95 -7.92 9.40
C MET B 322 22.58 -8.23 9.97
N ASP B 323 21.60 -7.42 9.58
CA ASP B 323 20.19 -7.62 9.93
C ASP B 323 19.64 -8.78 9.10
N GLU B 324 19.30 -9.88 9.75
CA GLU B 324 18.74 -11.05 9.07
C GLU B 324 17.34 -11.29 9.61
N MET B 325 16.45 -11.79 8.75
CA MET B 325 15.05 -12.01 9.12
C MET B 325 14.84 -13.16 10.11
FE1 SF4 C . -13.68 6.63 0.31
FE2 SF4 C . -16.07 7.34 -0.81
FE3 SF4 C . -13.61 7.61 -2.16
FE4 SF4 C . -14.32 9.26 -0.02
S1 SF4 C . -15.28 9.12 -2.07
S2 SF4 C . -12.28 8.23 -0.48
S3 SF4 C . -15.42 7.76 1.29
S4 SF4 C . -14.55 5.67 -1.49
N SAM D . -13.51 10.83 1.38
CA SAM D . -13.82 12.23 1.17
C SAM D . -15.17 12.41 0.50
O SAM D . -15.29 12.94 -0.62
OXT SAM D . -16.18 12.03 1.08
CB SAM D . -12.70 12.87 0.37
CG SAM D . -12.17 11.88 -0.64
SD SAM D . -10.36 11.83 -0.75
CE SAM D . -10.00 13.60 -0.93
C5' SAM D . -10.39 11.30 -2.49
C4' SAM D . -9.03 10.91 -3.03
O4' SAM D . -8.44 9.84 -2.31
C3' SAM D . -9.14 10.48 -4.47
O3' SAM D . -8.97 11.60 -5.30
C2' SAM D . -7.97 9.52 -4.62
O2' SAM D . -6.90 10.25 -5.17
C1' SAM D . -7.64 9.08 -3.19
N9 SAM D . -7.99 7.65 -3.05
C8 SAM D . -9.18 7.14 -2.59
N7 SAM D . -9.10 5.78 -2.64
C5 SAM D . -7.88 5.43 -3.13
C6 SAM D . -7.27 4.21 -3.40
N6 SAM D . -7.90 3.08 -3.18
N1 SAM D . -6.00 4.18 -3.92
C2 SAM D . -5.33 5.35 -4.16
N3 SAM D . -5.93 6.56 -3.90
C4 SAM D . -7.19 6.60 -3.40
FE1 SF4 E . 12.47 -9.74 0.87
FE2 SF4 E . 14.86 -10.39 2.09
FE3 SF4 E . 14.15 -7.80 1.50
FE4 SF4 E . 14.85 -9.62 -0.51
S1 SF4 E . 16.14 -8.73 1.12
S2 SF4 E . 13.11 -8.05 -0.46
S3 SF4 E . 13.88 -11.48 0.36
S4 SF4 E . 13.09 -9.16 2.94
N ABA F . 16.18 -11.29 -2.10
CA ABA F . 16.86 -10.36 -3.01
C ABA F . 18.15 -9.88 -2.36
O ABA F . 18.72 -10.64 -1.57
CB ABA F . 15.91 -9.22 -3.32
CG ABA F . 14.60 -9.71 -3.95
OXT ABA F . 18.64 -8.78 -2.66
CS MTA G . 13.28 -6.13 -4.37
S5' MTA G . 14.92 -6.11 -3.71
C5' MTA G . 14.81 -5.15 -2.21
C4' MTA G . 14.21 -3.75 -2.43
O4' MTA G . 12.78 -3.80 -2.50
C2' MTA G . 13.35 -1.84 -1.32
O2' MTA G . 13.64 -0.80 -2.26
C3' MTA G . 14.53 -2.78 -1.31
O3' MTA G . 15.70 -2.01 -1.61
C1' MTA G . 12.20 -2.68 -1.88
N9 MTA G . 11.38 -3.17 -0.77
C8 MTA G . 11.49 -4.37 -0.17
N7 MTA G . 10.57 -4.52 0.82
C5 MTA G . 9.83 -3.41 0.82
C6 MTA G . 8.70 -2.91 1.61
N6 MTA G . 8.18 -3.69 2.59
N1 MTA G . 8.22 -1.68 1.30
C2 MTA G . 8.75 -0.92 0.32
N3 MTA G . 9.79 -1.31 -0.42
C4 MTA G . 10.36 -2.53 -0.23
#